data_4J24
#
_entry.id   4J24
#
_cell.length_a   192.980
_cell.length_b   53.490
_cell.length_c   131.390
_cell.angle_alpha   90.00
_cell.angle_beta   120.47
_cell.angle_gamma   90.00
#
_symmetry.space_group_name_H-M   'C 1 2 1'
#
loop_
_entity.id
_entity.type
_entity.pdbx_description
1 polymer 'Estrogen receptor beta'
2 polymer '19-mer peptide'
3 non-polymer ESTRADIOL
4 water water
#
loop_
_entity_poly.entity_id
_entity_poly.type
_entity_poly.pdbx_seq_one_letter_code
_entity_poly.pdbx_strand_id
1 'polypeptide(L)'
;DALSPEQLVLTLLEAEPPHVLISRPSAPFTEASMMMSLTKLADKELVHMISWAKKIPGFVELSLFDQVRLLESCWMEVLM
MGLMWRSIDHPGKLIFAPDLVLDRDEGKCVEGILEIFDMLLATTSRFRELKLQHKEYLCVKAMILLNSSMYPLVTATQDA
DSSRKLAHLLNAVTDALVWVIAKSGISSQQQSMRLANLLMLLSHVRHASNKGMEHLLNMKCKNVVPVYDLLLEMLNAHVL
;
A,B,C,D
2 'polypeptide(L)' LTARHPLLLRHLLQNSPSD K,I,J,L
#
loop_
_chem_comp.id
_chem_comp.type
_chem_comp.name
_chem_comp.formula
EST non-polymer ESTRADIOL 'C18 H24 O2'
#
# COMPACT_ATOMS: atom_id res chain seq x y z
N ALA A 2 10.17 9.47 -27.07
CA ALA A 2 10.81 10.10 -25.87
C ALA A 2 9.81 11.02 -25.15
N LEU A 3 9.94 11.10 -23.83
CA LEU A 3 9.00 11.82 -22.99
C LEU A 3 9.52 13.23 -22.66
N SER A 4 8.62 14.18 -22.47
CA SER A 4 9.00 15.45 -21.84
C SER A 4 9.32 15.21 -20.35
N PRO A 5 10.10 16.11 -19.74
CA PRO A 5 10.28 16.10 -18.29
C PRO A 5 8.97 15.90 -17.51
N GLU A 6 7.92 16.65 -17.87
CA GLU A 6 6.65 16.57 -17.16
C GLU A 6 6.04 15.19 -17.28
N GLN A 7 6.12 14.63 -18.48
CA GLN A 7 5.60 13.29 -18.76
C GLN A 7 6.40 12.21 -18.03
N LEU A 8 7.71 12.37 -17.93
CA LEU A 8 8.52 11.40 -17.20
C LEU A 8 8.09 11.39 -15.73
N VAL A 9 7.98 12.56 -15.12
CA VAL A 9 7.52 12.68 -13.75
C VAL A 9 6.17 12.00 -13.53
N LEU A 10 5.21 12.24 -14.44
CA LEU A 10 3.90 11.61 -14.35
C LEU A 10 3.99 10.06 -14.46
N THR A 11 4.93 9.58 -15.28
CA THR A 11 5.17 8.15 -15.40
C THR A 11 5.71 7.59 -14.06
N LEU A 12 6.58 8.32 -13.40
CA LEU A 12 7.08 7.89 -12.10
C LEU A 12 5.92 7.86 -11.09
N LEU A 13 5.04 8.86 -11.17
CA LEU A 13 3.89 8.92 -10.28
C LEU A 13 3.00 7.71 -10.49
N GLU A 14 2.71 7.36 -11.74
CA GLU A 14 1.87 6.18 -12.01
C GLU A 14 2.50 4.84 -11.62
N ALA A 15 3.82 4.81 -11.45
CA ALA A 15 4.58 3.59 -11.15
C ALA A 15 4.68 3.29 -9.65
N GLU A 16 4.24 4.22 -8.82
CA GLU A 16 4.46 4.10 -7.38
C GLU A 16 3.94 2.78 -6.83
N PRO A 17 4.77 2.08 -6.05
CA PRO A 17 4.33 0.82 -5.43
C PRO A 17 3.35 1.04 -4.29
N PRO A 18 2.52 0.04 -4.01
CA PRO A 18 1.53 0.16 -2.96
C PRO A 18 2.14 0.09 -1.54
N HIS A 19 1.44 0.61 -0.54
CA HIS A 19 1.90 0.51 0.86
C HIS A 19 1.61 -0.90 1.42
N VAL A 20 2.65 -1.65 1.73
CA VAL A 20 2.47 -2.98 2.33
C VAL A 20 1.91 -2.83 3.74
N LEU A 21 0.92 -3.66 4.08
CA LEU A 21 0.35 -3.63 5.42
C LEU A 21 0.97 -4.67 6.34
N ILE A 22 1.45 -4.23 7.51
CA ILE A 22 1.85 -5.15 8.56
C ILE A 22 1.40 -4.58 9.91
N SER A 23 1.10 -5.47 10.86
N SER A 23 1.08 -5.49 10.84
CA SER A 23 0.65 -5.06 12.18
CA SER A 23 0.63 -5.12 12.18
C SER A 23 1.63 -5.51 13.26
C SER A 23 1.62 -5.53 13.28
N ARG A 24 1.58 -4.84 14.40
CA ARG A 24 2.36 -5.25 15.57
C ARG A 24 1.94 -6.65 16.01
N PRO A 25 2.89 -7.46 16.48
CA PRO A 25 2.42 -8.69 17.16
C PRO A 25 1.55 -8.36 18.38
N SER A 26 0.75 -9.33 18.85
CA SER A 26 -0.07 -9.08 20.05
C SER A 26 0.81 -8.96 21.29
N ALA A 27 1.86 -9.76 21.38
CA ALA A 27 2.77 -9.70 22.52
C ALA A 27 3.80 -8.57 22.36
N PRO A 28 4.28 -8.00 23.47
CA PRO A 28 5.35 -6.99 23.41
C PRO A 28 6.54 -7.38 22.52
N PHE A 29 7.06 -6.39 21.81
CA PHE A 29 8.21 -6.63 20.94
C PHE A 29 9.40 -7.17 21.68
N THR A 30 10.03 -8.19 21.08
CA THR A 30 11.36 -8.61 21.50
C THR A 30 12.34 -8.37 20.35
N GLU A 31 13.63 -8.60 20.59
CA GLU A 31 14.62 -8.48 19.53
C GLU A 31 14.25 -9.36 18.33
N ALA A 32 13.86 -10.61 18.58
CA ALA A 32 13.54 -11.53 17.49
C ALA A 32 12.27 -11.13 16.75
N SER A 33 11.22 -10.75 17.49
CA SER A 33 9.93 -10.45 16.86
C SER A 33 9.95 -9.11 16.11
N MET A 34 10.69 -8.11 16.62
CA MET A 34 10.89 -6.85 15.86
C MET A 34 11.66 -7.10 14.57
N MET A 35 12.75 -7.86 14.63
CA MET A 35 13.49 -8.23 13.42
C MET A 35 12.63 -9.07 12.44
N MET A 36 11.75 -9.93 12.97
CA MET A 36 10.83 -10.68 12.12
C MET A 36 9.82 -9.78 11.40
N SER A 37 9.17 -8.86 12.12
CA SER A 37 8.25 -7.90 11.51
C SER A 37 8.92 -7.00 10.44
N LEU A 38 10.14 -6.53 10.69
CA LEU A 38 10.82 -5.61 9.75
C LEU A 38 11.33 -6.35 8.49
N THR A 39 11.86 -7.57 8.64
CA THR A 39 12.30 -8.36 7.47
C THR A 39 11.13 -8.91 6.63
N LYS A 40 10.04 -9.27 7.28
CA LYS A 40 8.82 -9.65 6.58
C LYS A 40 8.26 -8.50 5.74
N LEU A 41 8.26 -7.29 6.32
CA LEU A 41 7.90 -6.09 5.59
C LEU A 41 8.82 -5.91 4.37
N ALA A 42 10.11 -5.99 4.61
CA ALA A 42 11.09 -5.71 3.57
C ALA A 42 10.93 -6.68 2.40
N ASP A 43 10.73 -7.96 2.71
CA ASP A 43 10.60 -8.97 1.66
C ASP A 43 9.39 -8.72 0.76
N LYS A 44 8.26 -8.38 1.36
CA LYS A 44 7.07 -8.06 0.58
C LYS A 44 7.26 -6.78 -0.29
N GLU A 45 7.90 -5.76 0.28
CA GLU A 45 8.22 -4.56 -0.48
C GLU A 45 9.15 -4.81 -1.65
N LEU A 46 10.09 -5.72 -1.49
CA LEU A 46 11.00 -6.09 -2.58
C LEU A 46 10.27 -6.59 -3.82
N VAL A 47 9.26 -7.43 -3.63
CA VAL A 47 8.41 -7.91 -4.74
C VAL A 47 7.82 -6.71 -5.52
N HIS A 48 7.23 -5.74 -4.81
CA HIS A 48 6.64 -4.59 -5.49
C HIS A 48 7.70 -3.65 -6.06
N MET A 49 8.89 -3.61 -5.45
CA MET A 49 9.96 -2.78 -5.97
C MET A 49 10.41 -3.20 -7.39
N ILE A 50 10.45 -4.51 -7.63
N ILE A 50 10.48 -4.51 -7.62
CA ILE A 50 10.82 -5.03 -8.95
CA ILE A 50 10.92 -5.02 -8.92
C ILE A 50 9.83 -4.52 -10.00
C ILE A 50 9.92 -4.57 -9.99
N SER A 51 8.54 -4.61 -9.68
N SER A 51 8.63 -4.61 -9.64
CA SER A 51 7.49 -4.12 -10.57
CA SER A 51 7.57 -4.15 -10.53
C SER A 51 7.60 -2.62 -10.81
C SER A 51 7.62 -2.63 -10.80
N TRP A 52 7.90 -1.85 -9.75
CA TRP A 52 8.15 -0.42 -9.90
C TRP A 52 9.32 -0.11 -10.85
N ALA A 53 10.46 -0.76 -10.65
CA ALA A 53 11.63 -0.51 -11.50
C ALA A 53 11.29 -0.75 -12.98
N LYS A 54 10.57 -1.83 -13.26
CA LYS A 54 10.22 -2.20 -14.63
C LYS A 54 9.36 -1.14 -15.33
N LYS A 55 8.69 -0.29 -14.56
CA LYS A 55 7.89 0.80 -15.11
C LYS A 55 8.64 2.12 -15.29
N ILE A 56 9.87 2.20 -14.82
CA ILE A 56 10.72 3.37 -15.10
C ILE A 56 11.17 3.30 -16.57
N PRO A 57 10.86 4.35 -17.37
CA PRO A 57 11.14 4.32 -18.82
C PRO A 57 12.58 4.01 -19.14
N GLY A 58 12.79 2.98 -19.97
CA GLY A 58 14.15 2.54 -20.32
C GLY A 58 14.70 1.36 -19.53
N PHE A 59 14.20 1.14 -18.32
CA PHE A 59 14.80 0.13 -17.46
C PHE A 59 14.80 -1.27 -18.12
N VAL A 60 13.66 -1.72 -18.64
CA VAL A 60 13.60 -3.08 -19.23
C VAL A 60 14.33 -3.17 -20.56
N GLU A 61 14.73 -2.05 -21.14
CA GLU A 61 15.59 -2.06 -22.33
C GLU A 61 17.07 -2.27 -21.99
N LEU A 62 17.43 -2.12 -20.72
CA LEU A 62 18.81 -2.40 -20.31
C LEU A 62 19.03 -3.89 -20.38
N SER A 63 20.28 -4.30 -20.38
CA SER A 63 20.58 -5.72 -20.29
C SER A 63 20.05 -6.26 -18.97
N LEU A 64 19.66 -7.52 -19.01
CA LEU A 64 19.09 -8.19 -17.86
C LEU A 64 20.14 -8.32 -16.76
N PHE A 65 21.40 -8.43 -17.17
CA PHE A 65 22.52 -8.33 -16.24
C PHE A 65 22.58 -6.95 -15.50
N ASP A 66 22.40 -5.85 -16.22
CA ASP A 66 22.41 -4.53 -15.59
C ASP A 66 21.20 -4.35 -14.66
N GLN A 67 20.03 -4.82 -15.10
CA GLN A 67 18.83 -4.78 -14.28
C GLN A 67 19.05 -5.45 -12.93
N VAL A 68 19.64 -6.65 -12.96
CA VAL A 68 19.97 -7.38 -11.73
C VAL A 68 20.92 -6.56 -10.87
N ARG A 69 21.98 -6.05 -11.49
CA ARG A 69 23.03 -5.34 -10.76
C ARG A 69 22.46 -4.09 -10.08
N LEU A 70 21.62 -3.33 -10.80
CA LEU A 70 21.07 -2.10 -10.23
C LEU A 70 20.20 -2.43 -8.99
N LEU A 71 19.33 -3.41 -9.11
CA LEU A 71 18.39 -3.71 -8.01
C LEU A 71 19.13 -4.27 -6.81
N GLU A 72 20.10 -5.11 -7.10
CA GLU A 72 20.98 -5.67 -6.10
C GLU A 72 21.70 -4.60 -5.28
N SER A 73 22.16 -3.54 -5.94
N SER A 73 22.16 -3.53 -5.90
CA SER A 73 22.92 -2.46 -5.28
CA SER A 73 22.93 -2.52 -5.17
C SER A 73 22.05 -1.46 -4.52
C SER A 73 22.08 -1.39 -4.56
N CYS A 74 20.85 -1.18 -5.04
CA CYS A 74 20.04 -0.06 -4.55
C CYS A 74 18.91 -0.43 -3.56
N TRP A 75 18.57 -1.72 -3.43
CA TRP A 75 17.28 -2.04 -2.78
C TRP A 75 17.09 -1.47 -1.36
N MET A 76 18.11 -1.57 -0.53
CA MET A 76 18.03 -1.03 0.83
C MET A 76 17.84 0.47 0.81
N GLU A 77 18.55 1.17 -0.07
CA GLU A 77 18.40 2.61 -0.22
C GLU A 77 17.00 3.01 -0.59
N VAL A 78 16.43 2.26 -1.53
CA VAL A 78 15.08 2.54 -2.03
C VAL A 78 14.04 2.28 -0.93
N LEU A 79 14.21 1.21 -0.15
CA LEU A 79 13.34 0.98 1.02
C LEU A 79 13.43 2.13 2.02
N MET A 80 14.64 2.59 2.30
CA MET A 80 14.82 3.63 3.31
CA MET A 80 14.85 3.64 3.31
C MET A 80 14.26 4.96 2.84
N MET A 81 14.46 5.29 1.56
CA MET A 81 13.90 6.52 1.00
C MET A 81 12.38 6.53 1.12
N GLY A 82 11.74 5.42 0.82
CA GLY A 82 10.31 5.29 1.00
C GLY A 82 9.85 5.51 2.44
N LEU A 83 10.56 4.89 3.38
CA LEU A 83 10.28 5.02 4.79
C LEU A 83 10.37 6.47 5.23
N MET A 84 11.41 7.14 4.75
CA MET A 84 11.64 8.53 5.14
C MET A 84 10.51 9.43 4.61
N TRP A 85 10.10 9.21 3.37
CA TRP A 85 8.96 9.93 2.83
C TRP A 85 7.67 9.64 3.65
N ARG A 86 7.42 8.37 3.96
CA ARG A 86 6.24 8.04 4.78
C ARG A 86 6.28 8.73 6.15
N SER A 87 7.49 9.00 6.65
CA SER A 87 7.70 9.48 8.00
C SER A 87 7.87 10.99 8.12
N ILE A 88 7.85 11.69 6.98
CA ILE A 88 8.36 13.04 6.90
C ILE A 88 7.60 14.07 7.79
N ASP A 89 6.29 13.87 7.94
CA ASP A 89 5.46 14.77 8.76
C ASP A 89 5.20 14.22 10.16
N HIS A 90 6.03 13.28 10.62
CA HIS A 90 5.86 12.71 11.96
C HIS A 90 7.16 12.58 12.73
N PRO A 91 7.67 13.71 13.25
CA PRO A 91 8.91 13.77 14.04
C PRO A 91 8.91 12.74 15.16
N GLY A 92 10.07 12.12 15.40
CA GLY A 92 10.20 11.11 16.46
C GLY A 92 9.67 9.72 16.07
N LYS A 93 9.08 9.59 14.89
CA LYS A 93 8.45 8.33 14.49
C LYS A 93 8.90 7.79 13.11
N LEU A 94 8.89 6.47 12.99
CA LEU A 94 9.16 5.81 11.71
C LEU A 94 7.91 5.05 11.30
N ILE A 95 7.33 5.47 10.18
CA ILE A 95 6.09 4.93 9.69
C ILE A 95 6.45 3.76 8.74
N PHE A 96 6.79 2.61 9.31
CA PHE A 96 7.09 1.44 8.47
C PHE A 96 5.87 1.00 7.62
N ALA A 97 4.70 1.02 8.25
CA ALA A 97 3.42 0.74 7.61
C ALA A 97 2.30 1.41 8.40
N PRO A 98 1.08 1.51 7.83
CA PRO A 98 0.01 2.25 8.53
C PRO A 98 -0.25 1.77 9.95
N ASP A 99 -0.13 0.47 10.20
CA ASP A 99 -0.25 -0.06 11.55
C ASP A 99 1.02 -0.54 12.19
N LEU A 100 2.17 -0.04 11.72
CA LEU A 100 3.46 -0.30 12.37
C LEU A 100 4.25 1.01 12.43
N VAL A 101 3.90 1.83 13.41
CA VAL A 101 4.48 3.15 13.59
C VAL A 101 5.35 3.07 14.85
N LEU A 102 6.66 3.06 14.68
CA LEU A 102 7.58 2.89 15.80
C LEU A 102 8.08 4.22 16.29
N ASP A 103 7.97 4.43 17.59
CA ASP A 103 8.65 5.55 18.24
C ASP A 103 10.12 5.22 18.31
N ARG A 104 10.95 6.24 18.29
CA ARG A 104 12.39 6.07 18.30
C ARG A 104 12.87 5.07 19.38
N ASP A 105 12.45 5.27 20.62
CA ASP A 105 12.92 4.43 21.74
C ASP A 105 12.59 2.93 21.63
N GLU A 106 11.56 2.57 20.87
CA GLU A 106 11.22 1.15 20.72
C GLU A 106 12.33 0.31 20.07
N GLY A 107 13.28 0.98 19.42
CA GLY A 107 14.45 0.29 18.86
C GLY A 107 15.42 -0.24 19.90
N LYS A 108 15.29 0.22 21.14
CA LYS A 108 16.10 -0.26 22.25
C LYS A 108 16.05 -1.79 22.39
N CYS A 109 14.98 -2.42 21.93
CA CYS A 109 14.91 -3.87 22.10
C CYS A 109 15.77 -4.67 21.10
N VAL A 110 16.20 -4.07 19.99
CA VAL A 110 17.08 -4.75 19.03
C VAL A 110 18.50 -4.21 19.16
N GLU A 111 19.44 -5.09 19.49
CA GLU A 111 20.84 -4.69 19.57
C GLU A 111 21.28 -3.99 18.28
N GLY A 112 21.79 -2.77 18.42
CA GLY A 112 22.43 -2.04 17.33
C GLY A 112 21.51 -1.24 16.42
N ILE A 113 20.20 -1.41 16.54
CA ILE A 113 19.27 -0.81 15.57
C ILE A 113 19.02 0.66 15.87
N LEU A 114 19.22 1.04 17.12
CA LEU A 114 18.94 2.41 17.57
C LEU A 114 19.76 3.46 16.80
N GLU A 115 21.04 3.16 16.58
CA GLU A 115 21.94 3.98 15.76
C GLU A 115 21.37 4.23 14.34
N ILE A 116 20.85 3.18 13.73
CA ILE A 116 20.28 3.27 12.39
C ILE A 116 18.94 4.04 12.39
N PHE A 117 18.08 3.77 13.38
CA PHE A 117 16.86 4.57 13.55
C PHE A 117 17.20 6.06 13.66
N ASP A 118 18.25 6.38 14.41
CA ASP A 118 18.67 7.79 14.55
C ASP A 118 19.16 8.42 13.24
N MET A 119 19.87 7.65 12.41
CA MET A 119 20.26 8.12 11.07
C MET A 119 19.03 8.37 10.20
N LEU A 120 18.11 7.41 10.16
CA LEU A 120 16.91 7.54 9.33
C LEU A 120 16.08 8.75 9.78
N LEU A 121 15.98 8.93 11.09
CA LEU A 121 15.21 10.06 11.67
C LEU A 121 15.84 11.42 11.36
N ALA A 122 17.16 11.51 11.44
CA ALA A 122 17.86 12.76 11.15
C ALA A 122 17.78 13.12 9.67
N THR A 123 17.95 12.14 8.79
CA THR A 123 17.81 12.40 7.35
C THR A 123 16.36 12.79 6.99
N THR A 124 15.40 12.11 7.61
CA THR A 124 14.01 12.48 7.47
C THR A 124 13.77 13.95 7.89
N SER A 125 14.38 14.38 9.01
CA SER A 125 14.24 15.79 9.45
C SER A 125 14.83 16.78 8.45
N ARG A 126 15.95 16.44 7.83
CA ARG A 126 16.51 17.28 6.75
C ARG A 126 15.55 17.43 5.58
N PHE A 127 14.93 16.33 5.16
CA PHE A 127 13.95 16.42 4.09
C PHE A 127 12.75 17.30 4.55
N ARG A 128 12.33 17.15 5.79
CA ARG A 128 11.26 18.01 6.33
C ARG A 128 11.64 19.49 6.27
N GLU A 129 12.82 19.83 6.73
CA GLU A 129 13.29 21.21 6.74
C GLU A 129 13.46 21.82 5.35
N LEU A 130 13.84 21.00 4.37
CA LEU A 130 13.90 21.42 2.98
C LEU A 130 12.52 21.50 2.33
N LYS A 131 11.50 20.98 3.01
CA LYS A 131 10.16 20.88 2.45
C LYS A 131 10.17 20.11 1.15
N LEU A 132 10.78 18.91 1.18
CA LEU A 132 10.78 18.03 0.02
C LEU A 132 9.38 17.86 -0.53
N GLN A 133 9.23 18.10 -1.82
CA GLN A 133 7.93 17.97 -2.48
C GLN A 133 7.78 16.58 -3.09
N HIS A 134 6.53 16.14 -3.18
CA HIS A 134 6.21 14.83 -3.73
C HIS A 134 6.92 14.52 -5.06
N LYS A 135 6.92 15.47 -6.00
CA LYS A 135 7.49 15.22 -7.32
C LYS A 135 9.01 15.14 -7.30
N GLU A 136 9.62 15.88 -6.38
CA GLU A 136 11.03 15.79 -6.10
C GLU A 136 11.42 14.42 -5.52
N TYR A 137 10.61 13.92 -4.58
CA TYR A 137 10.78 12.57 -4.02
C TYR A 137 10.78 11.49 -5.12
N LEU A 138 9.84 11.59 -6.05
CA LEU A 138 9.75 10.62 -7.13
C LEU A 138 11.05 10.59 -7.98
N CYS A 139 11.60 11.75 -8.30
CA CYS A 139 12.80 11.83 -9.14
C CYS A 139 14.00 11.29 -8.36
N VAL A 140 14.10 11.68 -7.10
CA VAL A 140 15.23 11.23 -6.25
C VAL A 140 15.26 9.70 -6.09
N LYS A 141 14.11 9.09 -5.91
CA LYS A 141 14.03 7.65 -5.73
C LYS A 141 14.49 6.92 -7.00
N ALA A 142 14.03 7.41 -8.17
CA ALA A 142 14.49 6.90 -9.45
C ALA A 142 16.01 7.11 -9.61
N MET A 143 16.51 8.27 -9.21
CA MET A 143 17.94 8.54 -9.28
C MET A 143 18.74 7.58 -8.40
N ILE A 144 18.23 7.21 -7.24
CA ILE A 144 18.88 6.23 -6.37
C ILE A 144 19.09 4.92 -7.12
N LEU A 145 18.02 4.41 -7.76
CA LEU A 145 18.10 3.16 -8.53
C LEU A 145 19.16 3.31 -9.61
N LEU A 146 19.08 4.37 -10.39
CA LEU A 146 19.89 4.49 -11.59
C LEU A 146 21.36 4.88 -11.35
N ASN A 147 21.64 5.50 -10.20
CA ASN A 147 23.00 5.88 -9.81
C ASN A 147 23.64 4.86 -8.88
N SER A 148 22.94 3.76 -8.57
CA SER A 148 23.39 2.84 -7.50
C SER A 148 24.73 2.18 -7.83
N SER A 149 24.86 1.77 -9.08
CA SER A 149 26.11 1.27 -9.67
C SER A 149 27.39 1.62 -8.90
N SER A 162 23.74 -1.12 -23.30
CA SER A 162 23.16 -1.02 -21.96
C SER A 162 23.76 0.15 -21.17
N SER A 163 25.06 0.34 -21.29
CA SER A 163 25.77 1.46 -20.67
C SER A 163 25.38 2.84 -21.27
N ARG A 164 25.29 2.94 -22.59
CA ARG A 164 24.83 4.19 -23.21
C ARG A 164 23.39 4.48 -22.74
N LYS A 165 22.54 3.45 -22.77
CA LYS A 165 21.15 3.58 -22.35
C LYS A 165 21.06 4.09 -20.90
N LEU A 166 21.95 3.64 -20.03
CA LEU A 166 21.82 3.92 -18.59
C LEU A 166 22.15 5.37 -18.20
N ALA A 167 23.29 5.86 -18.68
CA ALA A 167 23.67 7.25 -18.44
C ALA A 167 22.61 8.21 -19.03
N HIS A 168 22.05 7.83 -20.16
CA HIS A 168 20.94 8.56 -20.80
C HIS A 168 19.71 8.59 -19.88
N LEU A 169 19.36 7.43 -19.32
CA LEU A 169 18.19 7.32 -18.45
C LEU A 169 18.38 8.22 -17.23
N LEU A 170 19.57 8.17 -16.64
CA LEU A 170 19.86 8.94 -15.43
C LEU A 170 19.79 10.45 -15.70
N ASN A 171 20.33 10.84 -16.85
CA ASN A 171 20.24 12.22 -17.32
C ASN A 171 18.79 12.67 -17.53
N ALA A 172 17.96 11.80 -18.09
CA ALA A 172 16.54 12.15 -18.27
C ALA A 172 15.87 12.46 -16.92
N VAL A 173 16.17 11.65 -15.91
CA VAL A 173 15.58 11.84 -14.59
C VAL A 173 16.12 13.12 -13.91
N THR A 174 17.39 13.40 -14.09
CA THR A 174 17.97 14.64 -13.62
C THR A 174 17.29 15.85 -14.28
N ASP A 175 17.18 15.82 -15.61
CA ASP A 175 16.41 16.86 -16.33
C ASP A 175 15.00 17.03 -15.74
N ALA A 176 14.35 15.91 -15.38
CA ALA A 176 13.02 15.98 -14.78
C ALA A 176 13.02 16.68 -13.43
N LEU A 177 14.03 16.40 -12.60
CA LEU A 177 14.16 17.05 -11.29
C LEU A 177 14.39 18.56 -11.43
N VAL A 178 15.31 18.94 -12.32
CA VAL A 178 15.56 20.33 -12.67
C VAL A 178 14.26 21.01 -13.13
N TRP A 179 13.49 20.34 -13.98
CA TRP A 179 12.18 20.85 -14.41
C TRP A 179 11.20 21.10 -13.24
N VAL A 180 11.09 20.14 -12.32
CA VAL A 180 10.23 20.30 -11.13
C VAL A 180 10.68 21.50 -10.29
N ILE A 181 11.98 21.61 -10.05
CA ILE A 181 12.50 22.71 -9.23
C ILE A 181 12.21 24.07 -9.92
N ALA A 182 12.40 24.13 -11.23
CA ALA A 182 12.09 25.36 -12.00
C ALA A 182 10.63 25.78 -11.84
N LYS A 183 9.73 24.81 -11.83
CA LYS A 183 8.30 25.09 -11.68
C LYS A 183 7.97 25.76 -10.36
N SER A 184 8.82 25.61 -9.36
CA SER A 184 8.59 26.24 -8.06
C SER A 184 8.68 27.77 -8.16
N GLY A 185 9.38 28.27 -9.18
CA GLY A 185 9.41 29.69 -9.48
C GLY A 185 10.47 30.49 -8.74
N ILE A 186 11.31 29.81 -7.96
CA ILE A 186 12.38 30.48 -7.22
C ILE A 186 13.47 30.94 -8.17
N SER A 187 14.39 31.78 -7.68
CA SER A 187 15.47 32.32 -8.51
C SER A 187 16.45 31.28 -9.06
N SER A 188 17.22 31.69 -10.05
CA SER A 188 18.16 30.83 -10.74
C SER A 188 19.20 30.24 -9.79
N GLN A 189 19.66 31.06 -8.85
CA GLN A 189 20.67 30.61 -7.90
C GLN A 189 20.05 29.77 -6.76
N GLN A 190 18.79 30.04 -6.42
CA GLN A 190 18.07 29.22 -5.45
C GLN A 190 17.75 27.83 -6.04
N GLN A 191 17.48 27.78 -7.34
CA GLN A 191 17.30 26.54 -8.06
C GLN A 191 18.55 25.64 -8.03
N SER A 192 19.71 26.24 -8.29
CA SER A 192 20.98 25.54 -8.21
C SER A 192 21.26 25.06 -6.78
N MET A 193 20.98 25.92 -5.81
CA MET A 193 21.13 25.61 -4.40
C MET A 193 20.21 24.48 -3.93
N ARG A 194 18.97 24.47 -4.41
CA ARG A 194 18.05 23.40 -4.04
C ARG A 194 18.46 22.06 -4.66
N LEU A 195 18.88 22.09 -5.92
CA LEU A 195 19.41 20.88 -6.57
C LEU A 195 20.60 20.29 -5.78
N ALA A 196 21.53 21.15 -5.37
CA ALA A 196 22.70 20.72 -4.63
C ALA A 196 22.32 20.12 -3.29
N ASN A 197 21.40 20.78 -2.59
CA ASN A 197 21.01 20.32 -1.26
C ASN A 197 20.24 18.99 -1.30
N LEU A 198 19.42 18.79 -2.31
CA LEU A 198 18.72 17.50 -2.46
C LEU A 198 19.71 16.39 -2.76
N LEU A 199 20.63 16.64 -3.67
CA LEU A 199 21.57 15.60 -4.09
C LEU A 199 22.63 15.28 -3.04
N MET A 200 23.01 16.26 -2.23
CA MET A 200 23.91 16.00 -1.11
C MET A 200 23.30 15.04 -0.07
N LEU A 201 21.97 14.98 0.00
CA LEU A 201 21.32 14.01 0.86
C LEU A 201 21.40 12.56 0.29
N LEU A 202 21.64 12.38 -0.99
CA LEU A 202 21.84 11.02 -1.49
C LEU A 202 22.97 10.30 -0.74
N SER A 203 24.00 11.01 -0.31
CA SER A 203 25.09 10.32 0.35
C SER A 203 24.73 9.90 1.79
N HIS A 204 23.79 10.61 2.42
CA HIS A 204 23.27 10.21 3.73
C HIS A 204 22.37 8.98 3.62
N VAL A 205 21.55 8.91 2.58
CA VAL A 205 20.78 7.69 2.29
C VAL A 205 21.68 6.49 2.02
N ARG A 206 22.73 6.69 1.24
CA ARG A 206 23.69 5.63 0.99
C ARG A 206 24.39 5.18 2.29
N HIS A 207 24.74 6.14 3.17
CA HIS A 207 25.42 5.83 4.41
C HIS A 207 24.50 4.93 5.30
N ALA A 208 23.24 5.35 5.44
CA ALA A 208 22.26 4.62 6.22
C ALA A 208 22.05 3.21 5.65
N SER A 209 22.06 3.08 4.33
CA SER A 209 21.94 1.78 3.70
C SER A 209 23.12 0.85 4.01
N ASN A 210 24.33 1.40 3.91
CA ASN A 210 25.52 0.64 4.21
C ASN A 210 25.45 0.10 5.65
N LYS A 211 25.10 0.95 6.60
CA LYS A 211 24.95 0.56 8.01
C LYS A 211 23.79 -0.43 8.25
N GLY A 212 22.67 -0.23 7.56
CA GLY A 212 21.55 -1.15 7.69
C GLY A 212 21.89 -2.53 7.16
N MET A 213 22.63 -2.54 6.05
CA MET A 213 23.06 -3.80 5.44
C MET A 213 24.03 -4.58 6.35
N GLU A 214 25.01 -3.88 6.96
CA GLU A 214 25.93 -4.51 7.92
CA GLU A 214 25.93 -4.50 7.92
C GLU A 214 25.14 -5.12 9.07
N HIS A 215 24.16 -4.39 9.58
CA HIS A 215 23.37 -4.82 10.72
C HIS A 215 22.55 -6.07 10.40
N LEU A 216 21.83 -6.04 9.30
CA LEU A 216 20.99 -7.16 8.90
C LEU A 216 21.82 -8.40 8.57
N LEU A 217 22.94 -8.22 7.87
CA LEU A 217 23.84 -9.34 7.56
C LEU A 217 24.35 -10.04 8.82
N ASN A 218 24.65 -9.25 9.85
CA ASN A 218 25.10 -9.80 11.13
C ASN A 218 23.98 -10.59 11.81
N MET A 219 22.79 -10.00 11.90
CA MET A 219 21.63 -10.65 12.50
C MET A 219 21.32 -11.96 11.80
N LYS A 220 21.42 -11.98 10.48
CA LYS A 220 21.19 -13.20 9.71
C LYS A 220 22.26 -14.24 10.06
N CYS A 221 23.51 -13.79 10.09
CA CYS A 221 24.67 -14.62 10.30
C CYS A 221 24.65 -15.33 11.66
N LYS A 222 24.25 -14.60 12.71
CA LYS A 222 24.10 -15.16 14.04
C LYS A 222 22.73 -15.82 14.28
N ASN A 223 21.95 -16.02 13.22
CA ASN A 223 20.66 -16.69 13.27
C ASN A 223 19.65 -16.11 14.26
N VAL A 224 19.74 -14.82 14.52
CA VAL A 224 18.76 -14.11 15.34
C VAL A 224 17.41 -14.07 14.66
N VAL A 225 17.43 -13.96 13.34
CA VAL A 225 16.22 -13.93 12.53
C VAL A 225 16.43 -14.73 11.22
N PRO A 226 15.46 -15.59 10.87
CA PRO A 226 15.52 -16.29 9.60
C PRO A 226 14.94 -15.39 8.51
N VAL A 227 15.51 -15.46 7.30
CA VAL A 227 14.99 -14.69 6.17
C VAL A 227 14.74 -15.62 5.00
N TYR A 228 13.79 -15.27 4.15
CA TYR A 228 13.33 -16.17 3.12
C TYR A 228 13.34 -15.56 1.73
N ASP A 229 13.22 -16.44 0.75
CA ASP A 229 12.92 -16.09 -0.63
C ASP A 229 13.77 -14.92 -1.17
N LEU A 230 13.11 -13.83 -1.54
CA LEU A 230 13.76 -12.77 -2.26
C LEU A 230 14.75 -12.01 -1.37
N LEU A 231 14.34 -11.69 -0.14
CA LEU A 231 15.23 -11.03 0.79
C LEU A 231 16.46 -11.90 1.07
N LEU A 232 16.24 -13.20 1.29
CA LEU A 232 17.33 -14.15 1.50
C LEU A 232 18.30 -14.12 0.31
N GLU A 233 17.76 -14.11 -0.89
CA GLU A 233 18.57 -14.16 -2.08
C GLU A 233 19.43 -12.91 -2.20
N MET A 234 18.84 -11.74 -1.95
CA MET A 234 19.62 -10.49 -1.95
C MET A 234 20.76 -10.52 -0.93
N LEU A 235 20.49 -10.98 0.30
CA LEU A 235 21.52 -11.04 1.33
C LEU A 235 22.62 -12.06 1.02
N ASN A 236 22.26 -13.22 0.47
CA ASN A 236 23.26 -14.21 0.10
C ASN A 236 24.25 -13.66 -0.93
N ALA A 237 23.83 -12.71 -1.75
CA ALA A 237 24.75 -12.06 -2.68
C ALA A 237 25.99 -11.41 -2.00
N HIS A 238 25.89 -11.06 -0.71
CA HIS A 238 27.02 -10.42 0.01
C HIS A 238 28.05 -11.38 0.63
N ASP B 1 33.58 39.96 0.48
CA ASP B 1 33.97 39.36 1.79
C ASP B 1 34.51 37.93 1.64
N ALA B 2 34.87 37.34 2.77
CA ALA B 2 35.57 36.06 2.81
C ALA B 2 34.79 34.91 2.17
N LEU B 3 33.46 35.04 2.11
CA LEU B 3 32.61 33.96 1.61
C LEU B 3 32.05 34.16 0.19
N SER B 4 32.42 35.24 -0.50
CA SER B 4 31.98 35.41 -1.89
C SER B 4 32.79 34.44 -2.75
N PRO B 5 32.24 34.01 -3.90
CA PRO B 5 32.80 32.88 -4.64
C PRO B 5 34.29 32.95 -4.97
N GLU B 6 34.72 34.00 -5.65
CA GLU B 6 36.11 34.08 -6.10
C GLU B 6 37.09 34.11 -4.93
N GLN B 7 36.69 34.78 -3.85
CA GLN B 7 37.50 34.89 -2.65
C GLN B 7 37.55 33.57 -1.86
N LEU B 8 36.41 32.90 -1.77
CA LEU B 8 36.34 31.61 -1.08
C LEU B 8 37.21 30.59 -1.80
N VAL B 9 37.12 30.56 -3.12
CA VAL B 9 37.93 29.63 -3.91
C VAL B 9 39.43 29.90 -3.75
N LEU B 10 39.81 31.17 -3.64
N LEU B 10 39.81 31.17 -3.62
CA LEU B 10 41.20 31.54 -3.43
CA LEU B 10 41.23 31.53 -3.42
C LEU B 10 41.70 31.08 -2.06
C LEU B 10 41.70 31.06 -2.05
N THR B 11 40.88 31.29 -1.03
CA THR B 11 41.20 30.82 0.33
C THR B 11 41.33 29.29 0.40
N LEU B 12 40.40 28.57 -0.24
CA LEU B 12 40.54 27.11 -0.32
C LEU B 12 41.86 26.72 -1.00
N LEU B 13 42.19 27.37 -2.11
CA LEU B 13 43.47 27.10 -2.77
C LEU B 13 44.64 27.21 -1.79
N GLU B 14 44.66 28.29 -1.02
CA GLU B 14 45.78 28.58 -0.13
C GLU B 14 45.80 27.70 1.13
N ALA B 15 44.67 27.05 1.41
CA ALA B 15 44.61 26.19 2.58
C ALA B 15 44.94 24.74 2.26
N GLU B 16 45.23 24.44 1.00
CA GLU B 16 45.57 23.06 0.64
C GLU B 16 46.70 22.51 1.52
N PRO B 17 46.56 21.27 1.98
CA PRO B 17 47.65 20.71 2.79
C PRO B 17 48.94 20.58 1.97
N PRO B 18 50.10 20.57 2.67
CA PRO B 18 51.34 20.25 1.98
C PRO B 18 51.38 18.77 1.59
N HIS B 19 52.10 18.46 0.51
CA HIS B 19 52.23 17.09 0.01
C HIS B 19 53.05 16.24 0.96
N VAL B 20 52.45 15.18 1.48
CA VAL B 20 53.13 14.26 2.39
C VAL B 20 54.04 13.36 1.58
N LEU B 21 55.28 13.25 2.01
CA LEU B 21 56.28 12.47 1.29
C LEU B 21 56.55 11.16 2.00
N ILE B 22 56.40 10.08 1.25
CA ILE B 22 56.66 8.76 1.74
C ILE B 22 57.03 7.96 0.51
N SER B 23 57.88 6.96 0.67
CA SER B 23 58.29 6.11 -0.45
C SER B 23 57.90 4.66 -0.22
N ARG B 24 57.95 3.90 -1.29
CA ARG B 24 57.90 2.46 -1.18
C ARG B 24 59.01 1.98 -0.26
N PRO B 25 58.73 0.91 0.46
CA PRO B 25 59.82 0.20 1.10
C PRO B 25 60.90 -0.19 0.07
N SER B 26 62.12 -0.39 0.54
CA SER B 26 63.21 -0.82 -0.32
C SER B 26 62.97 -2.23 -0.87
N ALA B 27 62.37 -3.08 -0.05
CA ALA B 27 62.06 -4.43 -0.43
C ALA B 27 60.63 -4.52 -0.95
N PRO B 28 60.36 -5.51 -1.84
CA PRO B 28 59.00 -5.75 -2.33
C PRO B 28 57.95 -5.80 -1.20
N PHE B 29 56.80 -5.15 -1.42
CA PHE B 29 55.69 -5.19 -0.47
C PHE B 29 55.28 -6.60 0.00
N THR B 30 54.92 -6.70 1.27
CA THR B 30 54.13 -7.80 1.82
C THR B 30 52.84 -7.22 2.34
N GLU B 31 51.92 -8.09 2.77
CA GLU B 31 50.67 -7.62 3.35
C GLU B 31 50.98 -6.62 4.45
N ALA B 32 51.86 -7.01 5.37
CA ALA B 32 52.17 -6.16 6.53
C ALA B 32 52.83 -4.84 6.13
N SER B 33 53.73 -4.89 5.16
CA SER B 33 54.46 -3.67 4.81
C SER B 33 53.62 -2.69 3.97
N MET B 34 52.73 -3.20 3.14
CA MET B 34 51.78 -2.33 2.43
C MET B 34 50.86 -1.62 3.42
N MET B 35 50.26 -2.35 4.37
CA MET B 35 49.33 -1.76 5.31
C MET B 35 50.06 -0.78 6.24
N MET B 36 51.34 -1.04 6.55
CA MET B 36 52.10 -0.11 7.35
C MET B 36 52.33 1.19 6.58
N SER B 37 52.73 1.09 5.31
CA SER B 37 52.92 2.30 4.48
C SER B 37 51.64 3.16 4.38
N LEU B 38 50.52 2.51 4.03
CA LEU B 38 49.25 3.21 3.85
C LEU B 38 48.75 3.86 5.14
N THR B 39 48.88 3.17 6.28
CA THR B 39 48.40 3.71 7.56
C THR B 39 49.30 4.85 8.06
N LYS B 40 50.62 4.69 7.90
CA LYS B 40 51.56 5.76 8.23
C LYS B 40 51.20 7.04 7.49
N LEU B 41 50.98 6.90 6.20
CA LEU B 41 50.55 8.02 5.37
C LEU B 41 49.24 8.62 5.85
N ALA B 42 48.24 7.76 6.09
CA ALA B 42 46.93 8.25 6.52
C ALA B 42 47.04 9.06 7.79
N ASP B 43 47.82 8.56 8.76
CA ASP B 43 48.00 9.26 10.03
C ASP B 43 48.60 10.66 9.84
N LYS B 44 49.66 10.76 9.05
CA LYS B 44 50.26 12.05 8.69
C LYS B 44 49.28 13.02 8.00
N GLU B 45 48.48 12.51 7.07
CA GLU B 45 47.51 13.34 6.36
C GLU B 45 46.38 13.81 7.28
N LEU B 46 46.01 12.99 8.27
CA LEU B 46 45.01 13.39 9.27
C LEU B 46 45.42 14.65 10.05
N VAL B 47 46.70 14.75 10.43
CA VAL B 47 47.22 15.94 11.10
C VAL B 47 47.02 17.15 10.18
N HIS B 48 47.37 17.03 8.91
CA HIS B 48 47.23 18.13 7.97
C HIS B 48 45.74 18.47 7.67
N MET B 49 44.88 17.49 7.78
CA MET B 49 43.44 17.68 7.52
C MET B 49 42.80 18.56 8.61
N ILE B 50 43.20 18.36 9.86
CA ILE B 50 42.70 19.20 10.95
C ILE B 50 43.07 20.67 10.68
N SER B 51 44.33 20.92 10.35
N SER B 51 44.34 20.91 10.36
CA SER B 51 44.79 22.28 10.08
CA SER B 51 44.81 22.26 10.07
C SER B 51 44.14 22.88 8.84
C SER B 51 44.12 22.87 8.85
N TRP B 52 43.89 22.05 7.83
CA TRP B 52 43.12 22.50 6.65
C TRP B 52 41.71 22.97 7.02
N ALA B 53 40.99 22.19 7.82
CA ALA B 53 39.60 22.49 8.14
C ALA B 53 39.52 23.82 8.91
N LYS B 54 40.51 24.05 9.76
CA LYS B 54 40.57 25.27 10.55
C LYS B 54 40.84 26.52 9.71
N LYS B 55 41.36 26.35 8.49
CA LYS B 55 41.52 27.47 7.57
C LYS B 55 40.28 27.75 6.73
N ILE B 56 39.26 26.91 6.81
CA ILE B 56 38.02 27.18 6.09
C ILE B 56 37.25 28.27 6.86
N PRO B 57 36.92 29.39 6.19
CA PRO B 57 36.37 30.54 6.93
C PRO B 57 35.07 30.17 7.64
N GLY B 58 34.97 30.48 8.94
CA GLY B 58 33.82 30.09 9.73
C GLY B 58 33.96 28.79 10.49
N PHE B 59 34.86 27.89 10.06
CA PHE B 59 34.92 26.56 10.68
C PHE B 59 35.19 26.67 12.18
N VAL B 60 36.19 27.48 12.56
CA VAL B 60 36.60 27.57 13.96
C VAL B 60 35.59 28.33 14.84
N GLU B 61 34.61 28.98 14.23
CA GLU B 61 33.54 29.65 14.96
C GLU B 61 32.35 28.72 15.20
N LEU B 62 32.36 27.52 14.62
CA LEU B 62 31.37 26.50 14.96
C LEU B 62 31.65 26.00 16.38
N SER B 63 30.64 25.41 17.03
CA SER B 63 30.88 24.82 18.34
C SER B 63 31.90 23.71 18.21
N LEU B 64 32.68 23.55 19.26
CA LEU B 64 33.73 22.55 19.31
C LEU B 64 33.17 21.15 19.07
N PHE B 65 31.97 20.91 19.57
CA PHE B 65 31.34 19.62 19.43
C PHE B 65 31.04 19.34 17.95
N ASP B 66 30.61 20.36 17.22
CA ASP B 66 30.35 20.23 15.78
C ASP B 66 31.61 20.04 14.97
N GLN B 67 32.66 20.79 15.30
CA GLN B 67 33.97 20.60 14.68
C GLN B 67 34.44 19.16 14.77
N VAL B 68 34.33 18.57 15.97
CA VAL B 68 34.75 17.20 16.23
C VAL B 68 33.90 16.22 15.42
N ARG B 69 32.57 16.40 15.52
CA ARG B 69 31.59 15.58 14.79
C ARG B 69 31.88 15.57 13.27
N LEU B 70 32.10 16.74 12.69
CA LEU B 70 32.34 16.84 11.26
C LEU B 70 33.62 16.10 10.83
N LEU B 71 34.69 16.29 11.59
CA LEU B 71 35.94 15.61 11.26
C LEU B 71 35.90 14.10 11.48
N GLU B 72 35.24 13.63 12.56
CA GLU B 72 35.05 12.18 12.79
C GLU B 72 34.32 11.52 11.65
N SER B 73 33.32 12.22 11.14
CA SER B 73 32.46 11.67 10.14
C SER B 73 33.08 11.67 8.74
N CYS B 74 33.90 12.68 8.40
CA CYS B 74 34.32 12.86 7.00
C CYS B 74 35.73 12.32 6.64
N TRP B 75 36.53 11.94 7.63
CA TRP B 75 37.95 11.88 7.37
C TRP B 75 38.33 10.87 6.29
N MET B 76 37.74 9.68 6.31
CA MET B 76 38.09 8.68 5.26
C MET B 76 37.65 9.16 3.87
N GLU B 77 36.46 9.77 3.79
CA GLU B 77 36.00 10.33 2.53
C GLU B 77 36.95 11.41 1.98
N VAL B 78 37.45 12.27 2.85
CA VAL B 78 38.35 13.34 2.45
C VAL B 78 39.72 12.78 2.02
N LEU B 79 40.24 11.79 2.73
CA LEU B 79 41.47 11.08 2.27
C LEU B 79 41.25 10.47 0.89
N MET B 80 40.09 9.82 0.70
CA MET B 80 39.84 9.15 -0.58
CA MET B 80 39.82 9.16 -0.58
C MET B 80 39.65 10.15 -1.73
N MET B 81 39.02 11.30 -1.45
CA MET B 81 38.80 12.31 -2.49
C MET B 81 40.16 12.91 -2.90
N GLY B 82 41.05 13.12 -1.92
CA GLY B 82 42.40 13.58 -2.21
C GLY B 82 43.14 12.60 -3.12
N LEU B 83 43.03 11.31 -2.80
CA LEU B 83 43.66 10.24 -3.56
C LEU B 83 43.15 10.17 -4.98
N MET B 84 41.83 10.30 -5.15
CA MET B 84 41.24 10.25 -6.49
C MET B 84 41.72 11.43 -7.33
N TRP B 85 41.75 12.62 -6.72
CA TRP B 85 42.31 13.79 -7.39
C TRP B 85 43.79 13.60 -7.81
N ARG B 86 44.64 13.06 -6.94
CA ARG B 86 46.05 12.83 -7.29
C ARG B 86 46.19 11.79 -8.40
N SER B 87 45.21 10.89 -8.53
CA SER B 87 45.27 9.80 -9.51
C SER B 87 44.56 10.09 -10.82
N ILE B 88 43.96 11.28 -10.92
CA ILE B 88 42.96 11.53 -11.97
C ILE B 88 43.51 11.41 -13.40
N ASP B 89 44.78 11.77 -13.59
CA ASP B 89 45.37 11.74 -14.93
C ASP B 89 46.09 10.41 -15.24
N HIS B 90 46.02 9.42 -14.35
CA HIS B 90 46.85 8.19 -14.48
C HIS B 90 46.05 6.88 -14.36
N PRO B 91 45.33 6.53 -15.42
CA PRO B 91 44.49 5.31 -15.42
C PRO B 91 45.24 4.07 -14.90
N GLY B 92 44.53 3.20 -14.19
CA GLY B 92 45.15 2.00 -13.64
C GLY B 92 46.10 2.18 -12.48
N LYS B 93 46.26 3.42 -11.98
CA LYS B 93 47.16 3.69 -10.87
C LYS B 93 46.50 4.50 -9.72
N LEU B 94 47.01 4.29 -8.51
CA LEU B 94 46.63 5.11 -7.33
C LEU B 94 47.86 5.82 -6.79
N ILE B 95 47.82 7.14 -6.87
CA ILE B 95 48.98 7.96 -6.45
CA ILE B 95 48.97 7.96 -6.45
C ILE B 95 48.76 8.36 -5.01
N PHE B 96 49.14 7.46 -4.10
CA PHE B 96 49.02 7.73 -2.69
C PHE B 96 49.87 8.92 -2.26
N ALA B 97 51.05 9.03 -2.88
CA ALA B 97 52.00 10.15 -2.70
C ALA B 97 52.88 10.18 -3.93
N PRO B 98 53.63 11.29 -4.14
CA PRO B 98 54.46 11.43 -5.35
C PRO B 98 55.42 10.28 -5.61
N ASP B 99 56.02 9.75 -4.56
CA ASP B 99 56.92 8.61 -4.68
C ASP B 99 56.28 7.28 -4.20
N LEU B 100 54.95 7.25 -4.08
CA LEU B 100 54.24 6.00 -3.70
C LEU B 100 53.03 5.79 -4.61
N VAL B 101 53.29 5.17 -5.75
CA VAL B 101 52.35 5.05 -6.86
C VAL B 101 52.06 3.58 -7.17
N LEU B 102 50.92 3.08 -6.75
CA LEU B 102 50.63 1.66 -6.86
C LEU B 102 49.84 1.34 -8.12
N ASP B 103 50.27 0.30 -8.83
CA ASP B 103 49.45 -0.27 -9.89
C ASP B 103 48.31 -1.05 -9.26
N ARG B 104 47.21 -1.15 -9.98
CA ARG B 104 46.02 -1.81 -9.48
C ARG B 104 46.32 -3.22 -8.91
N ASP B 105 47.06 -4.04 -9.67
CA ASP B 105 47.34 -5.43 -9.30
C ASP B 105 48.17 -5.59 -8.03
N GLU B 106 48.89 -4.55 -7.60
CA GLU B 106 49.67 -4.65 -6.39
C GLU B 106 48.82 -4.77 -5.11
N GLY B 107 47.54 -4.44 -5.22
CA GLY B 107 46.58 -4.70 -4.15
C GLY B 107 46.38 -6.17 -3.82
N LYS B 108 46.75 -7.06 -4.73
CA LYS B 108 46.65 -8.51 -4.50
C LYS B 108 47.35 -8.97 -3.21
N CYS B 109 48.35 -8.22 -2.73
CA CYS B 109 49.08 -8.71 -1.57
C CYS B 109 48.42 -8.38 -0.21
N VAL B 110 47.38 -7.56 -0.19
CA VAL B 110 46.61 -7.37 1.05
C VAL B 110 45.23 -7.98 0.90
N GLU B 111 44.91 -8.93 1.77
CA GLU B 111 43.58 -9.56 1.75
C GLU B 111 42.46 -8.52 1.79
N GLY B 112 41.56 -8.59 0.81
CA GLY B 112 40.38 -7.72 0.77
C GLY B 112 40.57 -6.31 0.20
N ILE B 113 41.81 -5.86 -0.03
CA ILE B 113 42.01 -4.45 -0.42
C ILE B 113 41.77 -4.20 -1.91
N LEU B 114 41.90 -5.25 -2.73
CA LEU B 114 41.70 -5.10 -4.18
C LEU B 114 40.32 -4.56 -4.59
N GLU B 115 39.27 -5.12 -3.98
CA GLU B 115 37.91 -4.64 -4.19
C GLU B 115 37.81 -3.15 -3.88
N ILE B 116 38.47 -2.70 -2.82
CA ILE B 116 38.45 -1.27 -2.47
C ILE B 116 39.28 -0.49 -3.48
N PHE B 117 40.47 -0.99 -3.85
CA PHE B 117 41.26 -0.36 -4.93
C PHE B 117 40.38 -0.17 -6.15
N ASP B 118 39.58 -1.18 -6.50
CA ASP B 118 38.76 -1.13 -7.72
C ASP B 118 37.63 -0.09 -7.63
N MET B 119 37.00 0.05 -6.46
CA MET B 119 36.04 1.14 -6.23
C MET B 119 36.68 2.48 -6.45
N LEU B 120 37.86 2.66 -5.85
CA LEU B 120 38.56 3.94 -5.92
C LEU B 120 38.94 4.30 -7.35
N LEU B 121 39.39 3.30 -8.11
CA LEU B 121 39.79 3.49 -9.50
C LEU B 121 38.59 3.78 -10.41
N ALA B 122 37.48 3.09 -10.17
CA ALA B 122 36.23 3.40 -10.91
C ALA B 122 35.69 4.80 -10.68
N THR B 123 35.62 5.21 -9.41
CA THR B 123 35.17 6.57 -9.10
C THR B 123 36.14 7.61 -9.66
N THR B 124 37.45 7.36 -9.57
CA THR B 124 38.44 8.23 -10.22
C THR B 124 38.17 8.35 -11.72
N SER B 125 37.93 7.21 -12.40
CA SER B 125 37.63 7.26 -13.84
C SER B 125 36.39 8.10 -14.19
N ARG B 126 35.37 8.03 -13.35
CA ARG B 126 34.21 8.91 -13.54
C ARG B 126 34.56 10.41 -13.46
N PHE B 127 35.37 10.76 -12.48
CA PHE B 127 35.83 12.15 -12.37
C PHE B 127 36.70 12.53 -13.60
N ARG B 128 37.52 11.58 -14.10
CA ARG B 128 38.36 11.81 -15.30
C ARG B 128 37.48 12.07 -16.53
N GLU B 129 36.47 11.22 -16.74
N GLU B 129 36.47 11.22 -16.74
CA GLU B 129 35.54 11.38 -17.85
CA GLU B 129 35.54 11.38 -17.85
C GLU B 129 34.79 12.72 -17.79
C GLU B 129 34.79 12.71 -17.79
N LEU B 130 34.47 13.20 -16.59
CA LEU B 130 33.82 14.52 -16.42
C LEU B 130 34.79 15.68 -16.53
N LYS B 131 36.07 15.35 -16.66
CA LYS B 131 37.14 16.34 -16.69
C LYS B 131 37.07 17.31 -15.49
N LEU B 132 36.97 16.75 -14.29
CA LEU B 132 36.93 17.51 -13.06
C LEU B 132 38.10 18.48 -13.04
N GLN B 133 37.82 19.73 -12.61
CA GLN B 133 38.78 20.82 -12.63
C GLN B 133 39.30 21.12 -11.23
N HIS B 134 40.50 21.69 -11.15
CA HIS B 134 41.14 21.96 -9.87
C HIS B 134 40.23 22.71 -8.93
N LYS B 135 39.56 23.74 -9.41
CA LYS B 135 38.74 24.58 -8.52
C LYS B 135 37.44 23.90 -8.12
N GLU B 136 36.92 23.04 -8.99
CA GLU B 136 35.76 22.21 -8.65
C GLU B 136 36.12 21.23 -7.53
N TYR B 137 37.29 20.61 -7.64
CA TYR B 137 37.82 19.69 -6.63
C TYR B 137 37.92 20.39 -5.27
N LEU B 138 38.45 21.61 -5.27
CA LEU B 138 38.56 22.36 -4.02
C LEU B 138 37.20 22.49 -3.33
N CYS B 139 36.18 22.86 -4.09
CA CYS B 139 34.83 23.04 -3.54
C CYS B 139 34.24 21.73 -3.10
N VAL B 140 34.38 20.69 -3.92
CA VAL B 140 33.83 19.38 -3.59
C VAL B 140 34.43 18.83 -2.28
N LYS B 141 35.74 18.97 -2.10
CA LYS B 141 36.38 18.46 -0.88
C LYS B 141 35.87 19.13 0.38
N ALA B 142 35.70 20.45 0.32
CA ALA B 142 35.11 21.21 1.44
C ALA B 142 33.65 20.83 1.67
N MET B 143 32.91 20.55 0.60
CA MET B 143 31.51 20.12 0.78
C MET B 143 31.43 18.78 1.54
N ILE B 144 32.35 17.86 1.22
CA ILE B 144 32.42 16.58 1.90
C ILE B 144 32.59 16.76 3.41
N LEU B 145 33.52 17.62 3.82
CA LEU B 145 33.69 17.98 5.22
C LEU B 145 32.41 18.52 5.83
N LEU B 146 31.76 19.47 5.16
CA LEU B 146 30.64 20.19 5.77
C LEU B 146 29.30 19.44 5.71
N ASN B 147 29.20 18.40 4.88
CA ASN B 147 27.96 17.62 4.61
C ASN B 147 28.03 16.21 5.25
N SER B 148 29.16 15.83 5.84
CA SER B 148 29.42 14.43 6.23
C SER B 148 28.47 13.92 7.32
N SER B 149 28.26 14.76 8.32
CA SER B 149 27.43 14.39 9.46
C SER B 149 26.03 14.96 9.25
N MET B 150 24.95 14.20 9.48
CA MET B 150 24.96 12.90 10.14
CA MET B 150 24.97 12.89 10.13
C MET B 150 24.70 11.78 9.14
N ASP B 161 22.54 27.92 16.68
CA ASP B 161 23.18 28.92 15.84
C ASP B 161 24.55 28.47 15.30
N SER B 162 25.14 27.46 15.94
CA SER B 162 26.23 26.72 15.31
C SER B 162 25.67 26.08 14.03
N SER B 163 24.51 25.44 14.13
CA SER B 163 23.80 24.90 12.95
C SER B 163 23.57 25.94 11.89
N ARG B 164 23.20 27.13 12.34
CA ARG B 164 22.92 28.21 11.43
C ARG B 164 24.19 28.61 10.66
N LYS B 165 25.30 28.72 11.39
CA LYS B 165 26.58 29.01 10.75
C LYS B 165 27.01 27.86 9.82
N LEU B 166 26.71 26.62 10.18
CA LEU B 166 27.11 25.46 9.37
C LEU B 166 26.37 25.44 8.05
N ALA B 167 25.05 25.58 8.11
CA ALA B 167 24.24 25.73 6.90
C ALA B 167 24.70 26.93 6.06
N HIS B 168 25.02 28.05 6.68
CA HIS B 168 25.50 29.22 5.93
C HIS B 168 26.82 28.92 5.22
N LEU B 169 27.75 28.33 5.96
CA LEU B 169 29.05 28.00 5.39
C LEU B 169 28.90 27.01 4.22
N LEU B 170 28.10 25.96 4.41
CA LEU B 170 27.86 24.98 3.36
C LEU B 170 27.21 25.61 2.11
N ASN B 171 26.31 26.55 2.32
CA ASN B 171 25.69 27.28 1.21
C ASN B 171 26.70 28.13 0.47
N ALA B 172 27.60 28.76 1.19
CA ALA B 172 28.64 29.55 0.54
C ALA B 172 29.53 28.71 -0.39
N VAL B 173 29.89 27.51 0.05
CA VAL B 173 30.73 26.61 -0.75
C VAL B 173 29.99 26.09 -1.97
N THR B 174 28.71 25.77 -1.79
CA THR B 174 27.88 25.36 -2.91
C THR B 174 27.79 26.44 -3.97
N ASP B 175 27.47 27.67 -3.56
CA ASP B 175 27.50 28.84 -4.45
C ASP B 175 28.85 28.98 -5.16
N ALA B 176 29.93 28.75 -4.44
CA ALA B 176 31.25 28.83 -5.06
C ALA B 176 31.42 27.80 -6.19
N LEU B 177 30.97 26.57 -5.97
CA LEU B 177 31.03 25.54 -7.01
C LEU B 177 30.22 25.93 -8.24
N VAL B 178 29.00 26.45 -8.00
CA VAL B 178 28.10 26.91 -9.06
C VAL B 178 28.77 28.01 -9.88
N TRP B 179 29.46 28.92 -9.18
CA TRP B 179 30.23 29.99 -9.81
C TRP B 179 31.35 29.44 -10.69
N VAL B 180 32.15 28.51 -10.15
CA VAL B 180 33.23 27.86 -10.92
C VAL B 180 32.68 27.19 -12.19
N ILE B 181 31.55 26.49 -12.07
CA ILE B 181 30.93 25.82 -13.21
C ILE B 181 30.48 26.84 -14.26
N ALA B 182 29.90 27.94 -13.80
CA ALA B 182 29.41 28.99 -14.69
C ALA B 182 30.54 29.64 -15.50
N LYS B 183 31.72 29.76 -14.90
CA LYS B 183 32.89 30.32 -15.62
C LYS B 183 33.33 29.50 -16.82
N SER B 184 32.97 28.22 -16.88
CA SER B 184 33.31 27.39 -18.03
C SER B 184 32.57 27.80 -19.32
N GLY B 185 31.47 28.53 -19.19
CA GLY B 185 30.74 29.03 -20.37
C GLY B 185 29.83 28.02 -21.07
N ILE B 186 29.58 26.87 -20.43
CA ILE B 186 28.61 25.90 -20.98
C ILE B 186 27.19 26.38 -20.74
N SER B 187 26.24 25.83 -21.49
CA SER B 187 24.84 26.27 -21.41
C SER B 187 24.25 26.09 -20.02
N SER B 188 23.09 26.68 -19.80
CA SER B 188 22.41 26.64 -18.51
C SER B 188 22.04 25.22 -18.11
N GLN B 189 21.46 24.46 -19.02
CA GLN B 189 21.07 23.10 -18.69
C GLN B 189 22.30 22.21 -18.57
N GLN B 190 23.39 22.56 -19.23
CA GLN B 190 24.65 21.80 -19.06
C GLN B 190 25.30 22.09 -17.70
N GLN B 191 25.11 23.31 -17.21
CA GLN B 191 25.56 23.68 -15.90
C GLN B 191 24.83 22.91 -14.79
N SER B 192 23.51 22.85 -14.89
CA SER B 192 22.70 22.03 -13.96
C SER B 192 23.09 20.57 -14.02
N MET B 193 23.25 20.05 -15.23
CA MET B 193 23.62 18.63 -15.41
C MET B 193 25.00 18.33 -14.80
N ARG B 194 25.95 19.23 -14.99
CA ARG B 194 27.30 19.03 -14.45
C ARG B 194 27.29 19.05 -12.92
N LEU B 195 26.59 20.00 -12.33
CA LEU B 195 26.41 20.07 -10.86
C LEU B 195 25.84 18.76 -10.32
N ALA B 196 24.76 18.26 -10.95
CA ALA B 196 24.15 17.01 -10.54
C ALA B 196 25.11 15.80 -10.64
N ASN B 197 25.78 15.68 -11.78
CA ASN B 197 26.67 14.55 -12.02
C ASN B 197 27.85 14.56 -11.06
N LEU B 198 28.32 15.75 -10.66
CA LEU B 198 29.40 15.83 -9.68
C LEU B 198 28.93 15.40 -8.31
N LEU B 199 27.78 15.90 -7.89
CA LEU B 199 27.28 15.59 -6.57
C LEU B 199 26.76 14.17 -6.42
N MET B 200 26.27 13.58 -7.50
CA MET B 200 25.89 12.16 -7.46
C MET B 200 27.08 11.23 -7.17
N LEU B 201 28.28 11.66 -7.52
CA LEU B 201 29.49 10.89 -7.24
C LEU B 201 29.85 10.91 -5.77
N LEU B 202 29.38 11.91 -5.01
CA LEU B 202 29.63 11.93 -3.57
C LEU B 202 29.06 10.70 -2.85
N SER B 203 27.97 10.14 -3.35
N SER B 203 27.96 10.13 -3.35
CA SER B 203 27.43 8.92 -2.77
CA SER B 203 27.44 8.91 -2.74
C SER B 203 28.40 7.75 -2.96
C SER B 203 28.39 7.73 -2.96
N HIS B 204 29.08 7.75 -4.10
CA HIS B 204 30.10 6.73 -4.42
C HIS B 204 31.33 6.90 -3.52
N VAL B 205 31.74 8.14 -3.28
CA VAL B 205 32.83 8.41 -2.36
C VAL B 205 32.46 7.92 -0.96
N ARG B 206 31.22 8.19 -0.52
CA ARG B 206 30.76 7.74 0.77
C ARG B 206 30.76 6.23 0.86
N HIS B 207 30.28 5.56 -0.18
CA HIS B 207 30.25 4.11 -0.22
C HIS B 207 31.66 3.56 -0.01
N ALA B 208 32.62 4.10 -0.75
CA ALA B 208 33.99 3.64 -0.71
C ALA B 208 34.57 3.80 0.68
N SER B 209 34.21 4.92 1.33
CA SER B 209 34.72 5.26 2.65
CA SER B 209 34.73 5.26 2.65
C SER B 209 34.23 4.25 3.70
N ASN B 210 32.96 3.84 3.58
CA ASN B 210 32.39 2.84 4.50
C ASN B 210 33.10 1.48 4.32
N LYS B 211 33.37 1.08 3.07
CA LYS B 211 34.10 -0.17 2.81
C LYS B 211 35.53 -0.08 3.34
N GLY B 212 36.14 1.09 3.15
CA GLY B 212 37.49 1.33 3.60
C GLY B 212 37.60 1.21 5.12
N MET B 213 36.67 1.86 5.83
CA MET B 213 36.67 1.85 7.28
C MET B 213 36.49 0.43 7.81
N GLU B 214 35.57 -0.31 7.20
CA GLU B 214 35.33 -1.71 7.56
C GLU B 214 36.61 -2.57 7.39
N HIS B 215 37.29 -2.36 6.28
CA HIS B 215 38.52 -3.10 5.98
C HIS B 215 39.61 -2.75 6.99
N LEU B 216 39.84 -1.46 7.23
CA LEU B 216 40.88 -1.04 8.18
C LEU B 216 40.59 -1.57 9.59
N LEU B 217 39.33 -1.50 10.04
CA LEU B 217 38.96 -2.05 11.35
C LEU B 217 39.25 -3.55 11.48
N ASN B 218 38.97 -4.31 10.43
CA ASN B 218 39.28 -5.72 10.41
C ASN B 218 40.80 -5.97 10.50
N MET B 219 41.58 -5.19 9.75
CA MET B 219 43.04 -5.31 9.80
C MET B 219 43.58 -5.04 11.21
N LYS B 220 43.06 -4.02 11.86
CA LYS B 220 43.43 -3.70 13.22
C LYS B 220 43.08 -4.86 14.17
N CYS B 221 41.83 -5.32 14.13
CA CYS B 221 41.33 -6.35 15.05
C CYS B 221 42.00 -7.72 14.88
N LYS B 222 42.40 -8.04 13.66
CA LYS B 222 43.14 -9.25 13.39
C LYS B 222 44.66 -9.07 13.54
N ASN B 223 45.09 -7.93 14.10
N ASN B 223 45.07 -7.93 14.08
CA ASN B 223 46.50 -7.61 14.27
CA ASN B 223 46.50 -7.60 14.26
C ASN B 223 47.37 -7.85 13.01
C ASN B 223 47.37 -7.82 13.01
N VAL B 224 46.80 -7.58 11.82
CA VAL B 224 47.59 -7.56 10.59
C VAL B 224 48.52 -6.34 10.57
N VAL B 225 48.09 -5.27 11.21
CA VAL B 225 48.85 -4.03 11.28
C VAL B 225 48.54 -3.34 12.61
N PRO B 226 49.57 -2.76 13.25
CA PRO B 226 49.32 -1.92 14.42
C PRO B 226 48.93 -0.53 13.96
N VAL B 227 48.06 0.13 14.70
CA VAL B 227 47.65 1.48 14.36
C VAL B 227 47.81 2.36 15.59
N TYR B 228 48.25 3.59 15.36
CA TYR B 228 48.72 4.45 16.42
C TYR B 228 48.05 5.81 16.45
N ASP B 229 48.08 6.43 17.64
CA ASP B 229 47.92 7.86 17.80
C ASP B 229 46.60 8.40 17.20
N LEU B 230 46.70 9.37 16.31
CA LEU B 230 45.53 10.06 15.83
C LEU B 230 44.67 9.15 14.94
N LEU B 231 45.29 8.38 14.04
CA LEU B 231 44.55 7.37 13.28
C LEU B 231 43.79 6.38 14.18
N LEU B 232 44.50 5.79 15.14
CA LEU B 232 43.88 4.93 16.14
C LEU B 232 42.72 5.63 16.82
N GLU B 233 42.90 6.89 17.22
CA GLU B 233 41.82 7.65 17.88
C GLU B 233 40.59 7.86 16.98
N MET B 234 40.81 8.21 15.71
CA MET B 234 39.71 8.39 14.76
C MET B 234 39.02 7.07 14.39
N LEU B 235 39.76 5.96 14.39
CA LEU B 235 39.16 4.63 14.19
C LEU B 235 38.27 4.25 15.37
N ASN B 236 38.87 4.22 16.58
CA ASN B 236 38.17 3.82 17.81
C ASN B 236 36.88 4.60 18.07
N ALA B 237 36.70 5.73 17.41
CA ALA B 237 35.40 6.41 17.40
C ALA B 237 34.32 5.61 16.66
N HIS B 238 34.58 4.32 16.43
CA HIS B 238 33.56 3.40 15.91
C HIS B 238 33.41 2.21 16.87
N ALA C 2 -5.45 -28.71 9.98
CA ALA C 2 -6.52 -27.68 10.17
C ALA C 2 -6.05 -26.59 11.13
N LEU C 3 -6.69 -25.42 11.04
CA LEU C 3 -6.29 -24.25 11.83
C LEU C 3 -7.30 -24.01 12.95
N SER C 4 -6.82 -23.59 14.10
CA SER C 4 -7.70 -23.06 15.12
C SER C 4 -8.33 -21.73 14.63
N PRO C 5 -9.48 -21.36 15.19
CA PRO C 5 -10.06 -20.04 14.93
C PRO C 5 -9.02 -18.91 15.02
N GLU C 6 -8.20 -18.92 16.06
CA GLU C 6 -7.18 -17.89 16.23
C GLU C 6 -6.14 -17.90 15.10
N GLN C 7 -5.73 -19.10 14.70
CA GLN C 7 -4.78 -19.26 13.62
C GLN C 7 -5.36 -18.82 12.27
N LEU C 8 -6.64 -19.09 12.02
CA LEU C 8 -7.28 -18.68 10.77
C LEU C 8 -7.29 -17.16 10.71
N VAL C 9 -7.71 -16.51 11.79
CA VAL C 9 -7.72 -15.06 11.85
C VAL C 9 -6.34 -14.44 11.58
N LEU C 10 -5.30 -15.04 12.16
CA LEU C 10 -3.93 -14.60 11.89
C LEU C 10 -3.52 -14.80 10.41
N THR C 11 -4.00 -15.87 9.81
CA THR C 11 -3.75 -16.11 8.40
C THR C 11 -4.44 -15.06 7.52
N LEU C 12 -5.64 -14.66 7.90
CA LEU C 12 -6.33 -13.56 7.19
C LEU C 12 -5.53 -12.27 7.35
N LEU C 13 -5.04 -12.03 8.56
CA LEU C 13 -4.24 -10.84 8.82
C LEU C 13 -3.01 -10.80 7.91
N GLU C 14 -2.31 -11.92 7.80
CA GLU C 14 -1.11 -11.99 6.96
C GLU C 14 -1.37 -11.85 5.46
N ALA C 15 -2.60 -12.10 5.05
CA ALA C 15 -3.00 -12.13 3.64
C ALA C 15 -3.39 -10.74 3.11
N GLU C 16 -3.48 -9.76 3.99
CA GLU C 16 -4.04 -8.47 3.65
C GLU C 16 -3.36 -7.85 2.45
N PRO C 17 -4.14 -7.40 1.47
CA PRO C 17 -3.53 -6.72 0.33
C PRO C 17 -3.04 -5.31 0.69
N PRO C 18 -2.08 -4.80 -0.07
CA PRO C 18 -1.53 -3.48 0.18
C PRO C 18 -2.49 -2.35 -0.22
N HIS C 19 -2.27 -1.16 0.32
CA HIS C 19 -3.02 0.04 -0.07
C HIS C 19 -2.47 0.60 -1.38
N VAL C 20 -3.26 0.58 -2.44
CA VAL C 20 -2.86 1.15 -3.72
C VAL C 20 -2.79 2.67 -3.60
N LEU C 21 -1.72 3.26 -4.13
CA LEU C 21 -1.58 4.71 -4.09
C LEU C 21 -2.10 5.33 -5.38
N ILE C 22 -2.95 6.34 -5.24
CA ILE C 22 -3.32 7.19 -6.38
C ILE C 22 -3.45 8.63 -5.89
N SER C 23 -3.12 9.57 -6.76
CA SER C 23 -3.24 11.00 -6.43
C SER C 23 -4.33 11.68 -7.24
N ARG C 24 -4.81 12.82 -6.73
CA ARG C 24 -5.72 13.70 -7.47
C ARG C 24 -5.05 14.22 -8.72
N PRO C 25 -5.80 14.43 -9.81
CA PRO C 25 -5.18 15.12 -10.97
C PRO C 25 -4.80 16.56 -10.58
N SER C 26 -3.93 17.21 -11.36
CA SER C 26 -3.55 18.58 -11.05
C SER C 26 -4.72 19.53 -11.31
N ALA C 27 -5.45 19.27 -12.39
CA ALA C 27 -6.64 20.08 -12.71
C ALA C 27 -7.87 19.66 -11.88
N PRO C 28 -8.79 20.61 -11.57
CA PRO C 28 -10.04 20.27 -10.91
C PRO C 28 -10.72 19.06 -11.51
N PHE C 29 -11.36 18.25 -10.67
CA PHE C 29 -12.08 17.06 -11.11
C PHE C 29 -13.20 17.39 -12.07
N THR C 30 -13.34 16.58 -13.11
CA THR C 30 -14.53 16.57 -13.94
C THR C 30 -15.19 15.19 -13.81
N GLU C 31 -16.34 15.02 -14.45
CA GLU C 31 -17.01 13.72 -14.48
C GLU C 31 -16.07 12.64 -15.04
N ALA C 32 -15.43 12.95 -16.17
CA ALA C 32 -14.55 11.98 -16.80
C ALA C 32 -13.30 11.68 -15.94
N SER C 33 -12.68 12.71 -15.34
CA SER C 33 -11.42 12.51 -14.62
C SER C 33 -11.61 11.83 -13.23
N MET C 34 -12.72 12.13 -12.56
CA MET C 34 -13.09 11.38 -11.35
C MET C 34 -13.37 9.88 -11.66
N MET C 35 -14.16 9.61 -12.70
CA MET C 35 -14.37 8.23 -13.13
C MET C 35 -13.06 7.54 -13.54
N MET C 36 -12.19 8.28 -14.21
N MET C 36 -12.17 8.28 -14.19
CA MET C 36 -10.85 7.81 -14.55
CA MET C 36 -10.86 7.73 -14.55
C MET C 36 -10.06 7.38 -13.31
C MET C 36 -10.04 7.36 -13.29
N SER C 37 -9.97 8.27 -12.32
CA SER C 37 -9.23 8.02 -11.08
C SER C 37 -9.78 6.80 -10.29
N LEU C 38 -11.11 6.70 -10.18
CA LEU C 38 -11.73 5.63 -9.40
C LEU C 38 -11.62 4.25 -10.10
N THR C 39 -11.79 4.20 -11.41
CA THR C 39 -11.63 2.91 -12.17
C THR C 39 -10.17 2.45 -12.27
N LYS C 40 -9.23 3.38 -12.40
CA LYS C 40 -7.82 3.05 -12.35
C LYS C 40 -7.43 2.44 -11.00
N LEU C 41 -7.91 3.05 -9.91
CA LEU C 41 -7.72 2.49 -8.59
C LEU C 41 -8.30 1.09 -8.49
N ALA C 42 -9.55 0.93 -8.94
CA ALA C 42 -10.24 -0.35 -8.82
C ALA C 42 -9.49 -1.46 -9.58
N ASP C 43 -9.02 -1.13 -10.79
CA ASP C 43 -8.32 -2.13 -11.61
C ASP C 43 -7.04 -2.62 -10.94
N LYS C 44 -6.27 -1.70 -10.35
CA LYS C 44 -5.06 -2.09 -9.60
C LYS C 44 -5.38 -2.94 -8.35
N GLU C 45 -6.40 -2.54 -7.59
CA GLU C 45 -6.85 -3.32 -6.43
C GLU C 45 -7.33 -4.74 -6.82
N LEU C 46 -7.97 -4.88 -7.96
CA LEU C 46 -8.39 -6.22 -8.43
C LEU C 46 -7.24 -7.21 -8.58
N VAL C 47 -6.10 -6.75 -9.10
CA VAL C 47 -4.90 -7.57 -9.18
C VAL C 47 -4.52 -8.10 -7.77
N HIS C 48 -4.44 -7.21 -6.78
CA HIS C 48 -4.06 -7.62 -5.44
C HIS C 48 -5.14 -8.46 -4.78
N MET C 49 -6.41 -8.23 -5.13
CA MET C 49 -7.50 -9.00 -4.55
CA MET C 49 -7.51 -9.01 -4.55
C MET C 49 -7.36 -10.49 -4.90
N ILE C 50 -6.96 -10.78 -6.13
N ILE C 50 -7.00 -10.78 -6.15
CA ILE C 50 -6.77 -12.17 -6.56
CA ILE C 50 -6.87 -12.17 -6.59
C ILE C 50 -5.73 -12.86 -5.68
C ILE C 50 -5.79 -12.89 -5.77
N SER C 51 -4.61 -12.18 -5.46
N SER C 51 -4.69 -12.18 -5.49
CA SER C 51 -3.54 -12.73 -4.62
CA SER C 51 -3.61 -12.71 -4.67
C SER C 51 -4.02 -12.93 -3.18
C SER C 51 -4.02 -12.92 -3.20
N TRP C 52 -4.80 -11.98 -2.65
CA TRP C 52 -5.40 -12.15 -1.33
C TRP C 52 -6.28 -13.42 -1.26
N ALA C 53 -7.22 -13.57 -2.19
CA ALA C 53 -8.13 -14.74 -2.17
C ALA C 53 -7.37 -16.08 -2.19
N LYS C 54 -6.28 -16.13 -2.94
CA LYS C 54 -5.47 -17.34 -3.01
C LYS C 54 -4.78 -17.71 -1.70
N LYS C 55 -4.64 -16.75 -0.79
CA LYS C 55 -4.07 -17.00 0.55
C LYS C 55 -5.12 -17.35 1.61
N ILE C 56 -6.41 -17.25 1.30
CA ILE C 56 -7.45 -17.72 2.20
C ILE C 56 -7.43 -19.26 2.21
N PRO C 57 -7.24 -19.88 3.39
CA PRO C 57 -7.11 -21.35 3.47
C PRO C 57 -8.24 -22.08 2.77
N GLY C 58 -7.89 -23.02 1.89
CA GLY C 58 -8.88 -23.77 1.14
C GLY C 58 -9.22 -23.23 -0.25
N PHE C 59 -9.05 -21.94 -0.47
CA PHE C 59 -9.55 -21.35 -1.71
C PHE C 59 -8.97 -22.00 -2.97
N VAL C 60 -7.66 -22.18 -3.02
CA VAL C 60 -7.03 -22.76 -4.21
C VAL C 60 -7.28 -24.27 -4.37
N GLU C 61 -7.87 -24.90 -3.36
N GLU C 61 -7.87 -24.90 -3.34
CA GLU C 61 -8.27 -26.30 -3.46
CA GLU C 61 -8.32 -26.29 -3.44
C GLU C 61 -9.71 -26.45 -3.98
C GLU C 61 -9.67 -26.42 -4.12
N LEU C 62 -10.41 -25.32 -4.18
CA LEU C 62 -11.70 -25.31 -4.87
C LEU C 62 -11.48 -25.49 -6.37
N SER C 63 -12.50 -25.96 -7.08
N SER C 63 -12.50 -25.94 -7.09
CA SER C 63 -12.41 -26.07 -8.54
CA SER C 63 -12.42 -26.02 -8.55
C SER C 63 -12.18 -24.69 -9.13
C SER C 63 -12.14 -24.63 -9.14
N LEU C 64 -11.42 -24.62 -10.21
N LEU C 64 -11.36 -24.58 -10.21
CA LEU C 64 -11.12 -23.33 -10.83
CA LEU C 64 -11.08 -23.33 -10.90
C LEU C 64 -12.40 -22.61 -11.24
C LEU C 64 -12.39 -22.60 -11.26
N PHE C 65 -13.41 -23.36 -11.67
CA PHE C 65 -14.73 -22.80 -12.01
C PHE C 65 -15.35 -22.05 -10.82
N ASP C 66 -15.21 -22.61 -9.63
CA ASP C 66 -15.72 -21.97 -8.43
C ASP C 66 -14.91 -20.74 -8.04
N GLN C 67 -13.58 -20.83 -8.13
CA GLN C 67 -12.71 -19.67 -7.83
C GLN C 67 -13.10 -18.48 -8.69
N VAL C 68 -13.30 -18.73 -9.99
CA VAL C 68 -13.71 -17.69 -10.94
C VAL C 68 -15.08 -17.13 -10.54
N ARG C 69 -16.00 -18.02 -10.27
CA ARG C 69 -17.36 -17.60 -9.96
C ARG C 69 -17.43 -16.77 -8.66
N LEU C 70 -16.68 -17.16 -7.64
CA LEU C 70 -16.64 -16.40 -6.39
C LEU C 70 -16.08 -14.98 -6.57
N LEU C 71 -14.95 -14.85 -7.29
CA LEU C 71 -14.31 -13.54 -7.48
C LEU C 71 -15.14 -12.63 -8.37
N GLU C 72 -15.73 -13.22 -9.41
CA GLU C 72 -16.63 -12.52 -10.33
C GLU C 72 -17.83 -11.96 -9.60
N SER C 73 -18.33 -12.71 -8.65
CA SER C 73 -19.51 -12.32 -7.90
C SER C 73 -19.24 -11.34 -6.72
N CYS C 74 -18.06 -11.36 -6.11
CA CYS C 74 -17.81 -10.57 -4.89
C CYS C 74 -16.97 -9.30 -5.04
N TRP C 75 -16.33 -9.09 -6.17
CA TRP C 75 -15.25 -8.08 -6.22
C TRP C 75 -15.66 -6.66 -5.80
N MET C 76 -16.82 -6.19 -6.29
CA MET C 76 -17.25 -4.85 -5.93
C MET C 76 -17.51 -4.73 -4.42
N GLU C 77 -18.14 -5.76 -3.86
CA GLU C 77 -18.39 -5.81 -2.44
C GLU C 77 -17.13 -5.77 -1.62
N VAL C 78 -16.12 -6.52 -2.08
CA VAL C 78 -14.84 -6.55 -1.38
C VAL C 78 -14.15 -5.20 -1.49
N LEU C 79 -14.19 -4.57 -2.67
CA LEU C 79 -13.62 -3.21 -2.79
C LEU C 79 -14.30 -2.23 -1.82
N MET C 80 -15.62 -2.30 -1.73
CA MET C 80 -16.40 -1.37 -0.93
C MET C 80 -16.18 -1.62 0.56
N MET C 81 -16.12 -2.87 0.98
CA MET C 81 -15.81 -3.17 2.38
C MET C 81 -14.44 -2.59 2.77
N GLY C 82 -13.44 -2.76 1.90
CA GLY C 82 -12.12 -2.13 2.15
C GLY C 82 -12.17 -0.62 2.33
N LEU C 83 -12.91 0.04 1.45
CA LEU C 83 -13.10 1.47 1.46
C LEU C 83 -13.74 1.92 2.76
N MET C 84 -14.77 1.21 3.19
CA MET C 84 -15.48 1.54 4.42
C MET C 84 -14.58 1.39 5.67
N TRP C 85 -13.83 0.30 5.72
CA TRP C 85 -12.81 0.16 6.75
C TRP C 85 -11.80 1.33 6.77
N ARG C 86 -11.25 1.67 5.60
CA ARG C 86 -10.33 2.81 5.48
C ARG C 86 -10.98 4.12 5.97
N SER C 87 -12.30 4.23 5.80
CA SER C 87 -12.99 5.50 6.02
C SER C 87 -13.66 5.61 7.41
N ILE C 88 -13.50 4.57 8.22
CA ILE C 88 -14.34 4.38 9.38
C ILE C 88 -14.17 5.50 10.43
N ASP C 89 -12.96 6.03 10.58
CA ASP C 89 -12.69 7.08 11.57
C ASP C 89 -12.71 8.48 10.94
N HIS C 90 -13.31 8.63 9.75
CA HIS C 90 -13.34 9.92 9.07
C HIS C 90 -14.71 10.27 8.49
N PRO C 91 -15.64 10.67 9.38
CA PRO C 91 -17.02 11.04 9.00
C PRO C 91 -17.04 12.05 7.89
N GLY C 92 -17.96 11.89 6.95
CA GLY C 92 -18.06 12.81 5.80
C GLY C 92 -17.05 12.59 4.69
N LYS C 93 -16.16 11.61 4.86
CA LYS C 93 -15.08 11.38 3.89
C LYS C 93 -14.94 9.90 3.41
N LEU C 94 -14.51 9.75 2.17
CA LEU C 94 -14.20 8.43 1.63
C LEU C 94 -12.73 8.39 1.32
N ILE C 95 -12.02 7.52 2.05
CA ILE C 95 -10.56 7.40 1.91
C ILE C 95 -10.26 6.34 0.83
N PHE C 96 -10.40 6.72 -0.44
CA PHE C 96 -10.09 5.79 -1.53
C PHE C 96 -8.62 5.34 -1.50
N ALA C 97 -7.72 6.29 -1.23
CA ALA C 97 -6.30 6.04 -1.07
C ALA C 97 -5.69 7.18 -0.19
N PRO C 98 -4.44 7.02 0.28
CA PRO C 98 -3.88 8.03 1.18
C PRO C 98 -3.91 9.46 0.61
N ASP C 99 -3.66 9.61 -0.69
CA ASP C 99 -3.77 10.93 -1.32
C ASP C 99 -5.01 11.14 -2.20
N LEU C 100 -6.04 10.34 -1.99
CA LEU C 100 -7.32 10.54 -2.67
C LEU C 100 -8.42 10.40 -1.61
N VAL C 101 -8.63 11.49 -0.88
CA VAL C 101 -9.63 11.56 0.18
C VAL C 101 -10.74 12.48 -0.31
N LEU C 102 -11.89 11.92 -0.66
CA LEU C 102 -13.00 12.69 -1.21
C LEU C 102 -14.00 13.05 -0.12
N ASP C 103 -14.33 14.35 -0.06
CA ASP C 103 -15.44 14.83 0.74
C ASP C 103 -16.69 14.44 0.00
N ARG C 104 -17.75 14.21 0.76
CA ARG C 104 -19.01 13.74 0.20
C ARG C 104 -19.46 14.58 -1.02
N ASP C 105 -19.45 15.91 -0.88
CA ASP C 105 -19.97 16.81 -1.94
C ASP C 105 -19.17 16.78 -3.25
N GLU C 106 -17.91 16.37 -3.20
CA GLU C 106 -17.13 16.24 -4.45
C GLU C 106 -17.72 15.24 -5.47
N GLY C 107 -18.61 14.35 -5.04
CA GLY C 107 -19.34 13.45 -5.94
C GLY C 107 -20.36 14.14 -6.85
N LYS C 108 -20.71 15.38 -6.52
CA LYS C 108 -21.61 16.18 -7.35
C LYS C 108 -21.14 16.28 -8.81
N CYS C 109 -19.85 16.14 -9.07
CA CYS C 109 -19.37 16.25 -10.46
C CYS C 109 -19.58 15.01 -11.35
N VAL C 110 -19.91 13.86 -10.76
CA VAL C 110 -20.24 12.65 -11.54
C VAL C 110 -21.73 12.34 -11.43
N GLU C 111 -22.41 12.33 -12.57
CA GLU C 111 -23.84 12.02 -12.59
C GLU C 111 -24.11 10.70 -11.87
N GLY C 112 -24.99 10.74 -10.87
CA GLY C 112 -25.50 9.53 -10.21
C GLY C 112 -24.63 8.96 -9.11
N ILE C 113 -23.43 9.49 -8.90
CA ILE C 113 -22.49 8.85 -7.95
C ILE C 113 -22.79 9.27 -6.51
N LEU C 114 -23.44 10.43 -6.36
CA LEU C 114 -23.70 10.98 -5.04
C LEU C 114 -24.58 10.06 -4.17
N GLU C 115 -25.57 9.43 -4.78
CA GLU C 115 -26.43 8.45 -4.16
C GLU C 115 -25.60 7.30 -3.55
N ILE C 116 -24.64 6.82 -4.34
CA ILE C 116 -23.79 5.70 -3.94
C ILE C 116 -22.79 6.11 -2.84
N PHE C 117 -22.21 7.30 -2.96
CA PHE C 117 -21.35 7.84 -1.88
C PHE C 117 -22.14 7.88 -0.58
N ASP C 118 -23.40 8.31 -0.65
CA ASP C 118 -24.25 8.39 0.56
C ASP C 118 -24.55 7.03 1.19
N MET C 119 -24.75 6.00 0.36
CA MET C 119 -24.87 4.63 0.86
C MET C 119 -23.58 4.19 1.57
N LEU C 120 -22.44 4.41 0.92
CA LEU C 120 -21.17 3.98 1.46
C LEU C 120 -20.89 4.73 2.78
N LEU C 121 -21.18 6.01 2.80
CA LEU C 121 -21.01 6.82 4.04
C LEU C 121 -21.93 6.40 5.21
N ALA C 122 -23.16 6.03 4.90
CA ALA C 122 -24.11 5.59 5.93
C ALA C 122 -23.75 4.23 6.51
N THR C 123 -23.39 3.28 5.64
CA THR C 123 -22.96 1.97 6.08
C THR C 123 -21.67 2.02 6.90
N THR C 124 -20.72 2.85 6.46
CA THR C 124 -19.51 3.13 7.21
C THR C 124 -19.85 3.66 8.62
N SER C 125 -20.81 4.60 8.73
CA SER C 125 -21.23 5.13 10.04
C SER C 125 -21.83 4.05 10.93
N ARG C 126 -22.58 3.12 10.35
N ARG C 126 -22.57 3.12 10.33
CA ARG C 126 -23.11 2.00 11.13
CA ARG C 126 -23.14 2.00 11.07
C ARG C 126 -21.97 1.16 11.71
C ARG C 126 -22.02 1.11 11.66
N PHE C 127 -20.95 0.87 10.89
CA PHE C 127 -19.77 0.14 11.38
C PHE C 127 -19.05 0.93 12.49
N ARG C 128 -18.91 2.25 12.31
CA ARG C 128 -18.33 3.12 13.34
C ARG C 128 -19.09 3.00 14.65
N GLU C 129 -20.41 3.12 14.60
CA GLU C 129 -21.25 3.03 15.79
C GLU C 129 -21.22 1.68 16.47
N LEU C 130 -21.09 0.59 15.71
CA LEU C 130 -20.87 -0.73 16.29
C LEU C 130 -19.45 -0.94 16.82
N LYS C 131 -18.55 0.01 16.56
CA LYS C 131 -17.12 -0.12 16.89
C LYS C 131 -16.54 -1.41 16.32
N LEU C 132 -16.75 -1.61 15.02
CA LEU C 132 -16.15 -2.72 14.30
C LEU C 132 -14.67 -2.81 14.61
N GLN C 133 -14.24 -3.99 15.02
CA GLN C 133 -12.84 -4.24 15.33
C GLN C 133 -12.09 -4.81 14.11
N HIS C 134 -10.79 -4.58 14.08
CA HIS C 134 -9.93 -5.05 13.00
C HIS C 134 -10.10 -6.54 12.66
N LYS C 135 -10.14 -7.40 13.67
CA LYS C 135 -10.23 -8.84 13.44
C LYS C 135 -11.61 -9.26 12.95
N GLU C 136 -12.65 -8.53 13.37
CA GLU C 136 -14.01 -8.72 12.85
C GLU C 136 -14.10 -8.36 11.35
N TYR C 137 -13.47 -7.25 10.99
CA TYR C 137 -13.36 -6.82 9.58
C TYR C 137 -12.71 -7.90 8.71
N LEU C 138 -11.62 -8.48 9.18
CA LEU C 138 -10.96 -9.54 8.44
C LEU C 138 -11.88 -10.72 8.15
N CYS C 139 -12.66 -11.14 9.14
CA CYS C 139 -13.56 -12.28 8.99
C CYS C 139 -14.71 -11.92 8.05
N VAL C 140 -15.24 -10.72 8.20
CA VAL C 140 -16.36 -10.28 7.36
C VAL C 140 -15.97 -10.21 5.87
N LYS C 141 -14.77 -9.72 5.59
CA LYS C 141 -14.33 -9.58 4.20
C LYS C 141 -14.17 -10.97 3.55
N ALA C 142 -13.57 -11.89 4.28
CA ALA C 142 -13.48 -13.28 3.85
C ALA C 142 -14.87 -13.92 3.69
N MET C 143 -15.80 -13.60 4.58
CA MET C 143 -17.18 -14.10 4.45
C MET C 143 -17.83 -13.57 3.17
N ILE C 144 -17.60 -12.30 2.85
CA ILE C 144 -18.15 -11.71 1.60
C ILE C 144 -17.71 -12.51 0.36
N LEU C 145 -16.42 -12.81 0.28
CA LEU C 145 -15.90 -13.63 -0.79
C LEU C 145 -16.59 -14.97 -0.84
N LEU C 146 -16.66 -15.66 0.28
CA LEU C 146 -17.13 -17.05 0.28
C LEU C 146 -18.65 -17.20 0.16
N ASN C 147 -19.41 -16.19 0.59
CA ASN C 147 -20.87 -16.23 0.57
C ASN C 147 -21.43 -15.52 -0.68
N SER C 148 -20.56 -15.06 -1.58
CA SER C 148 -20.99 -14.18 -2.68
C SER C 148 -21.95 -14.83 -3.66
N SER C 149 -21.60 -16.03 -4.11
CA SER C 149 -22.45 -16.78 -5.04
C SER C 149 -23.06 -18.00 -4.36
N SER C 162 -15.59 -29.99 -4.57
CA SER C 162 -15.51 -28.54 -4.45
C SER C 162 -16.65 -28.00 -3.59
N SER C 163 -17.91 -28.32 -3.93
CA SER C 163 -19.08 -27.84 -3.17
C SER C 163 -18.93 -28.05 -1.66
N ARG C 164 -18.57 -29.26 -1.28
CA ARG C 164 -18.36 -29.63 0.13
C ARG C 164 -17.25 -28.78 0.74
N LYS C 165 -16.16 -28.60 -0.01
CA LYS C 165 -15.04 -27.79 0.46
C LYS C 165 -15.47 -26.34 0.78
N LEU C 166 -16.41 -25.77 0.02
CA LEU C 166 -16.77 -24.36 0.14
C LEU C 166 -17.56 -24.07 1.41
N ALA C 167 -18.66 -24.80 1.62
CA ALA C 167 -19.50 -24.61 2.82
C ALA C 167 -18.67 -24.84 4.08
N HIS C 168 -17.69 -25.74 3.98
CA HIS C 168 -16.75 -25.99 5.07
C HIS C 168 -15.84 -24.78 5.33
N LEU C 169 -15.34 -24.17 4.26
CA LEU C 169 -14.51 -22.98 4.36
C LEU C 169 -15.27 -21.83 5.01
N LEU C 170 -16.52 -21.66 4.58
CA LEU C 170 -17.36 -20.58 5.07
C LEU C 170 -17.66 -20.77 6.54
N ASN C 171 -17.95 -22.02 6.91
CA ASN C 171 -18.18 -22.37 8.31
C ASN C 171 -16.94 -22.11 9.19
N ALA C 172 -15.77 -22.38 8.67
CA ALA C 172 -14.53 -22.10 9.42
C ALA C 172 -14.38 -20.60 9.71
N VAL C 173 -14.73 -19.76 8.72
CA VAL C 173 -14.59 -18.32 8.88
C VAL C 173 -15.64 -17.80 9.85
N THR C 174 -16.86 -18.33 9.76
CA THR C 174 -17.89 -18.04 10.75
C THR C 174 -17.44 -18.39 12.19
N ASP C 175 -16.95 -19.61 12.39
CA ASP C 175 -16.38 -20.01 13.69
C ASP C 175 -15.32 -19.00 14.17
N ALA C 176 -14.50 -18.50 13.23
CA ALA C 176 -13.48 -17.53 13.61
C ALA C 176 -14.10 -16.21 14.09
N LEU C 177 -15.11 -15.72 13.40
CA LEU C 177 -15.79 -14.49 13.85
C LEU C 177 -16.42 -14.69 15.25
N VAL C 178 -17.13 -15.80 15.43
CA VAL C 178 -17.69 -16.15 16.75
C VAL C 178 -16.57 -16.15 17.82
N TRP C 179 -15.44 -16.77 17.51
CA TRP C 179 -14.30 -16.76 18.43
C TRP C 179 -13.83 -15.34 18.77
N VAL C 180 -13.69 -14.48 17.74
CA VAL C 180 -13.28 -13.09 17.97
C VAL C 180 -14.25 -12.33 18.86
N ILE C 181 -15.54 -12.51 18.61
CA ILE C 181 -16.58 -11.87 19.40
C ILE C 181 -16.58 -12.39 20.84
N ALA C 182 -16.36 -13.69 21.03
CA ALA C 182 -16.25 -14.28 22.39
C ALA C 182 -15.12 -13.67 23.19
N LYS C 183 -13.97 -13.43 22.55
CA LYS C 183 -12.80 -12.86 23.20
C LYS C 183 -13.07 -11.47 23.76
N SER C 184 -14.09 -10.79 23.26
CA SER C 184 -14.42 -9.45 23.75
C SER C 184 -14.97 -9.51 25.18
N GLY C 185 -15.44 -10.69 25.59
CA GLY C 185 -15.79 -10.93 26.98
C GLY C 185 -17.21 -10.54 27.35
N ILE C 186 -17.98 -10.04 26.37
CA ILE C 186 -19.37 -9.64 26.62
C ILE C 186 -20.24 -10.86 26.85
N SER C 187 -21.45 -10.63 27.33
CA SER C 187 -22.38 -11.70 27.67
C SER C 187 -22.79 -12.54 26.48
N SER C 188 -23.31 -13.73 26.78
CA SER C 188 -23.75 -14.69 25.76
C SER C 188 -24.77 -14.08 24.80
N GLN C 189 -25.74 -13.35 25.34
CA GLN C 189 -26.79 -12.77 24.51
C GLN C 189 -26.30 -11.52 23.76
N GLN C 190 -25.30 -10.84 24.32
CA GLN C 190 -24.67 -9.73 23.62
C GLN C 190 -23.84 -10.23 22.44
N GLN C 191 -23.22 -11.40 22.62
CA GLN C 191 -22.46 -12.04 21.56
C GLN C 191 -23.35 -12.41 20.38
N SER C 192 -24.51 -13.00 20.67
CA SER C 192 -25.49 -13.35 19.63
C SER C 192 -26.00 -12.11 18.92
N MET C 193 -26.29 -11.06 19.70
CA MET C 193 -26.72 -9.78 19.17
C MET C 193 -25.66 -9.10 18.25
N ARG C 194 -24.40 -9.14 18.65
CA ARG C 194 -23.33 -8.53 17.87
C ARG C 194 -23.18 -9.29 16.55
N LEU C 195 -23.19 -10.62 16.61
CA LEU C 195 -23.08 -11.44 15.41
C LEU C 195 -24.22 -11.09 14.42
N ALA C 196 -25.45 -11.03 14.94
CA ALA C 196 -26.60 -10.65 14.11
C ALA C 196 -26.45 -9.25 13.49
N ASN C 197 -26.02 -8.28 14.29
CA ASN C 197 -25.88 -6.92 13.80
C ASN C 197 -24.78 -6.76 12.72
N LEU C 198 -23.67 -7.46 12.87
CA LEU C 198 -22.60 -7.46 11.85
C LEU C 198 -23.13 -8.05 10.57
N LEU C 199 -23.74 -9.23 10.67
CA LEU C 199 -24.15 -9.94 9.47
C LEU C 199 -25.33 -9.31 8.76
N MET C 200 -26.20 -8.61 9.50
CA MET C 200 -27.24 -7.82 8.87
C MET C 200 -26.68 -6.66 7.99
N LEU C 201 -25.50 -6.16 8.33
CA LEU C 201 -24.86 -5.17 7.50
C LEU C 201 -24.33 -5.76 6.19
N LEU C 202 -24.07 -7.07 6.09
CA LEU C 202 -23.67 -7.67 4.82
C LEU C 202 -24.65 -7.31 3.71
N SER C 203 -25.94 -7.24 4.03
CA SER C 203 -26.94 -6.99 3.00
C SER C 203 -26.92 -5.53 2.53
N HIS C 204 -26.44 -4.62 3.38
CA HIS C 204 -26.23 -3.23 2.99
C HIS C 204 -25.01 -3.09 2.08
N VAL C 205 -23.94 -3.84 2.37
CA VAL C 205 -22.77 -3.88 1.48
C VAL C 205 -23.15 -4.46 0.13
N ARG C 206 -23.92 -5.55 0.11
CA ARG C 206 -24.44 -6.11 -1.14
C ARG C 206 -25.27 -5.07 -1.94
N HIS C 207 -26.15 -4.34 -1.23
CA HIS C 207 -27.00 -3.36 -1.89
C HIS C 207 -26.16 -2.25 -2.57
N ALA C 208 -25.20 -1.73 -1.81
CA ALA C 208 -24.27 -0.75 -2.38
C ALA C 208 -23.52 -1.28 -3.59
N SER C 209 -23.07 -2.54 -3.51
N SER C 209 -23.09 -2.54 -3.51
CA SER C 209 -22.37 -3.17 -4.64
CA SER C 209 -22.37 -3.17 -4.63
C SER C 209 -23.23 -3.27 -5.89
C SER C 209 -23.22 -3.28 -5.89
N ASN C 210 -24.49 -3.68 -5.72
CA ASN C 210 -25.45 -3.79 -6.83
C ASN C 210 -25.65 -2.42 -7.50
N LYS C 211 -25.87 -1.39 -6.70
CA LYS C 211 -25.99 -0.05 -7.22
C LYS C 211 -24.73 0.50 -7.88
N GLY C 212 -23.57 0.25 -7.27
CA GLY C 212 -22.29 0.65 -7.87
C GLY C 212 -22.05 -0.02 -9.23
N MET C 213 -22.41 -1.29 -9.32
CA MET C 213 -22.25 -2.04 -10.55
C MET C 213 -23.17 -1.50 -11.65
N GLU C 214 -24.42 -1.17 -11.29
CA GLU C 214 -25.33 -0.54 -12.25
C GLU C 214 -24.73 0.75 -12.80
N HIS C 215 -24.21 1.57 -11.91
CA HIS C 215 -23.71 2.88 -12.25
C HIS C 215 -22.50 2.77 -13.17
N LEU C 216 -21.52 1.93 -12.81
CA LEU C 216 -20.31 1.76 -13.60
C LEU C 216 -20.62 1.16 -14.97
N LEU C 217 -21.48 0.15 -15.01
CA LEU C 217 -21.87 -0.48 -16.29
C LEU C 217 -22.49 0.55 -17.25
N ASN C 218 -23.30 1.45 -16.71
CA ASN C 218 -23.88 2.50 -17.54
C ASN C 218 -22.80 3.48 -18.04
N MET C 219 -21.94 3.95 -17.14
CA MET C 219 -20.83 4.83 -17.55
C MET C 219 -19.99 4.20 -18.66
N LYS C 220 -19.68 2.91 -18.53
CA LYS C 220 -18.90 2.20 -19.54
C LYS C 220 -19.65 2.14 -20.87
N CYS C 221 -20.95 1.85 -20.78
CA CYS C 221 -21.82 1.68 -21.92
C CYS C 221 -21.96 2.94 -22.77
N LYS C 222 -22.07 4.09 -22.11
CA LYS C 222 -22.15 5.37 -22.76
C LYS C 222 -20.77 5.99 -23.04
N ASN C 223 -19.71 5.20 -22.85
CA ASN C 223 -18.34 5.62 -23.12
C ASN C 223 -17.85 6.87 -22.39
N VAL C 224 -18.43 7.14 -21.22
CA VAL C 224 -17.98 8.24 -20.40
C VAL C 224 -16.56 7.97 -19.93
N VAL C 225 -16.26 6.71 -19.67
CA VAL C 225 -14.94 6.32 -19.21
C VAL C 225 -14.52 5.00 -19.88
N PRO C 226 -13.27 4.92 -20.38
CA PRO C 226 -12.77 3.68 -20.89
C PRO C 226 -12.23 2.87 -19.73
N VAL C 227 -12.40 1.55 -19.78
CA VAL C 227 -11.82 0.64 -18.78
C VAL C 227 -10.97 -0.41 -19.47
N TYR C 228 -9.98 -0.90 -18.76
CA TYR C 228 -9.00 -1.81 -19.35
C TYR C 228 -8.79 -3.11 -18.60
N ASP C 229 -8.10 -4.03 -19.27
CA ASP C 229 -7.55 -5.21 -18.66
C ASP C 229 -8.58 -5.87 -17.76
N LEU C 230 -8.23 -6.02 -16.48
CA LEU C 230 -8.95 -6.91 -15.60
C LEU C 230 -10.32 -6.35 -15.25
N LEU C 231 -10.39 -5.05 -14.98
CA LEU C 231 -11.67 -4.41 -14.72
C LEU C 231 -12.62 -4.54 -15.93
N LEU C 232 -12.09 -4.31 -17.12
CA LEU C 232 -12.86 -4.46 -18.36
C LEU C 232 -13.43 -5.87 -18.45
N GLU C 233 -12.58 -6.86 -18.18
CA GLU C 233 -12.99 -8.25 -18.30
C GLU C 233 -14.12 -8.56 -17.34
N MET C 234 -14.02 -8.12 -16.08
CA MET C 234 -15.08 -8.34 -15.09
C MET C 234 -16.40 -7.71 -15.55
N LEU C 235 -16.33 -6.49 -16.08
CA LEU C 235 -17.55 -5.80 -16.54
C LEU C 235 -18.16 -6.49 -17.76
N ASN C 236 -17.34 -6.90 -18.71
CA ASN C 236 -17.84 -7.63 -19.89
C ASN C 236 -18.58 -8.91 -19.54
N ALA C 237 -18.27 -9.52 -18.39
CA ALA C 237 -19.03 -10.68 -17.91
C ALA C 237 -20.50 -10.31 -17.68
N HIS C 238 -20.68 -9.09 -17.18
CA HIS C 238 -21.97 -8.41 -17.10
C HIS C 238 -22.71 -8.64 -15.77
N SER D 4 -41.80 -9.99 24.22
CA SER D 4 -40.93 -11.12 24.65
C SER D 4 -41.01 -12.23 23.60
N PRO D 5 -39.99 -13.08 23.52
CA PRO D 5 -39.86 -13.96 22.37
C PRO D 5 -41.13 -14.75 21.99
N GLU D 6 -41.69 -15.53 22.92
CA GLU D 6 -42.81 -16.41 22.60
C GLU D 6 -44.05 -15.62 22.18
N GLN D 7 -44.26 -14.48 22.82
CA GLN D 7 -45.40 -13.61 22.51
C GLN D 7 -45.21 -12.96 21.13
N LEU D 8 -44.01 -12.46 20.87
CA LEU D 8 -43.70 -11.80 19.60
C LEU D 8 -43.87 -12.79 18.45
N VAL D 9 -43.37 -14.01 18.64
CA VAL D 9 -43.54 -15.03 17.60
C VAL D 9 -45.01 -15.41 17.36
N LEU D 10 -45.83 -15.40 18.41
CA LEU D 10 -47.26 -15.64 18.27
C LEU D 10 -47.91 -14.52 17.49
N THR D 11 -47.67 -13.28 17.90
CA THR D 11 -48.19 -12.10 17.21
C THR D 11 -47.82 -12.11 15.72
N LEU D 12 -46.56 -12.39 15.40
CA LEU D 12 -46.15 -12.49 14.00
C LEU D 12 -46.94 -13.58 13.26
N LEU D 13 -47.16 -14.71 13.91
CA LEU D 13 -48.00 -15.76 13.33
C LEU D 13 -49.39 -15.25 12.95
N GLU D 14 -50.02 -14.53 13.87
CA GLU D 14 -51.39 -14.05 13.69
C GLU D 14 -51.48 -12.88 12.71
N ALA D 15 -50.36 -12.22 12.45
CA ALA D 15 -50.33 -11.09 11.50
C ALA D 15 -50.08 -11.51 10.05
N GLU D 16 -49.84 -12.80 9.82
CA GLU D 16 -49.57 -13.29 8.46
C GLU D 16 -50.65 -12.88 7.49
N PRO D 17 -50.26 -12.38 6.30
CA PRO D 17 -51.28 -11.97 5.32
C PRO D 17 -52.12 -13.15 4.84
N PRO D 18 -53.36 -12.88 4.41
CA PRO D 18 -54.16 -13.94 3.79
C PRO D 18 -53.58 -14.35 2.44
N HIS D 19 -53.78 -15.61 2.06
CA HIS D 19 -53.28 -16.12 0.79
C HIS D 19 -53.99 -15.50 -0.40
N VAL D 20 -53.23 -14.81 -1.24
CA VAL D 20 -53.79 -14.19 -2.45
C VAL D 20 -54.04 -15.25 -3.50
N LEU D 21 -55.28 -15.30 -4.00
CA LEU D 21 -55.68 -16.30 -4.97
C LEU D 21 -55.67 -15.71 -6.37
N ILE D 22 -54.94 -16.37 -7.24
CA ILE D 22 -54.88 -16.00 -8.65
C ILE D 22 -54.55 -17.28 -9.40
N SER D 23 -55.01 -17.40 -10.64
CA SER D 23 -54.79 -18.61 -11.43
C SER D 23 -54.10 -18.30 -12.75
N ARG D 24 -53.54 -19.34 -13.36
CA ARG D 24 -53.03 -19.25 -14.72
C ARG D 24 -54.13 -18.83 -15.69
N PRO D 25 -53.75 -18.27 -16.86
CA PRO D 25 -54.68 -18.02 -17.98
C PRO D 25 -54.99 -19.23 -18.86
N SER D 26 -55.90 -19.07 -19.82
CA SER D 26 -56.29 -20.16 -20.71
C SER D 26 -55.22 -20.46 -21.76
N ALA D 27 -54.78 -19.42 -22.45
CA ALA D 27 -53.77 -19.57 -23.51
C ALA D 27 -52.39 -19.87 -22.93
N PRO D 28 -51.48 -20.38 -23.76
CA PRO D 28 -50.07 -20.50 -23.36
C PRO D 28 -49.46 -19.17 -22.93
N PHE D 29 -48.75 -19.19 -21.82
CA PHE D 29 -48.14 -17.98 -21.32
C PHE D 29 -47.42 -17.27 -22.45
N THR D 30 -47.73 -16.00 -22.62
CA THR D 30 -46.91 -15.17 -23.45
C THR D 30 -46.11 -14.27 -22.52
N GLU D 31 -45.16 -13.56 -23.10
CA GLU D 31 -44.39 -12.58 -22.34
C GLU D 31 -45.29 -11.57 -21.63
N ALA D 32 -46.27 -11.04 -22.36
CA ALA D 32 -47.21 -10.06 -21.81
C ALA D 32 -48.08 -10.66 -20.72
N SER D 33 -48.61 -11.86 -20.92
CA SER D 33 -49.60 -12.39 -19.99
C SER D 33 -48.90 -12.86 -18.70
N MET D 34 -47.69 -13.41 -18.82
CA MET D 34 -46.94 -13.79 -17.62
C MET D 34 -46.65 -12.56 -16.77
N MET D 35 -46.14 -11.50 -17.38
CA MET D 35 -45.85 -10.26 -16.62
C MET D 35 -47.13 -9.63 -16.06
N MET D 36 -48.24 -9.76 -16.78
N MET D 36 -48.24 -9.74 -16.78
CA MET D 36 -49.55 -9.30 -16.30
CA MET D 36 -49.54 -9.28 -16.27
C MET D 36 -49.95 -10.03 -15.02
C MET D 36 -49.91 -10.03 -14.99
N SER D 37 -49.86 -11.36 -15.04
CA SER D 37 -50.21 -12.18 -13.88
C SER D 37 -49.35 -11.82 -12.66
N LEU D 38 -48.04 -11.79 -12.86
CA LEU D 38 -47.10 -11.59 -11.74
C LEU D 38 -47.25 -10.20 -11.12
N THR D 39 -47.50 -9.18 -11.95
CA THR D 39 -47.66 -7.81 -11.43
C THR D 39 -49.01 -7.63 -10.71
N LYS D 40 -50.06 -8.22 -11.28
CA LYS D 40 -51.38 -8.23 -10.63
C LYS D 40 -51.26 -8.81 -9.23
N LEU D 41 -50.61 -9.95 -9.15
CA LEU D 41 -50.35 -10.59 -7.86
C LEU D 41 -49.58 -9.66 -6.91
N ALA D 42 -48.48 -9.09 -7.41
CA ALA D 42 -47.60 -8.27 -6.57
C ALA D 42 -48.37 -7.09 -5.99
N ASP D 43 -49.15 -6.42 -6.84
CA ASP D 43 -49.97 -5.30 -6.41
C ASP D 43 -50.95 -5.68 -5.27
N LYS D 44 -51.63 -6.80 -5.43
CA LYS D 44 -52.50 -7.33 -4.36
C LYS D 44 -51.75 -7.68 -3.07
N GLU D 45 -50.59 -8.30 -3.19
CA GLU D 45 -49.80 -8.62 -2.01
C GLU D 45 -49.32 -7.36 -1.30
N LEU D 46 -48.97 -6.33 -2.07
CA LEU D 46 -48.52 -5.05 -1.49
C LEU D 46 -49.55 -4.44 -0.53
N VAL D 47 -50.82 -4.50 -0.91
CA VAL D 47 -51.88 -4.01 -0.03
C VAL D 47 -51.85 -4.77 1.28
N HIS D 48 -51.74 -6.09 1.21
CA HIS D 48 -51.68 -6.94 2.42
C HIS D 48 -50.41 -6.72 3.24
N MET D 49 -49.30 -6.39 2.58
CA MET D 49 -48.02 -6.13 3.26
C MET D 49 -48.12 -4.87 4.13
N ILE D 50 -48.78 -3.84 3.63
CA ILE D 50 -48.95 -2.63 4.47
C ILE D 50 -49.68 -3.01 5.77
N SER D 51 -50.79 -3.75 5.65
CA SER D 51 -51.55 -4.20 6.82
C SER D 51 -50.73 -5.09 7.75
N TRP D 52 -49.93 -5.98 7.17
CA TRP D 52 -49.04 -6.85 7.96
C TRP D 52 -48.05 -6.04 8.80
N ALA D 53 -47.41 -5.04 8.18
CA ALA D 53 -46.40 -4.26 8.88
C ALA D 53 -46.99 -3.51 10.07
N LYS D 54 -48.21 -3.00 9.88
CA LYS D 54 -48.90 -2.26 10.93
C LYS D 54 -49.26 -3.13 12.14
N LYS D 55 -49.38 -4.45 11.94
CA LYS D 55 -49.61 -5.36 13.05
C LYS D 55 -48.34 -5.79 13.79
N ILE D 56 -47.16 -5.34 13.34
CA ILE D 56 -45.93 -5.62 14.06
C ILE D 56 -45.81 -4.63 15.21
N PRO D 57 -45.76 -5.13 16.46
CA PRO D 57 -45.82 -4.23 17.62
C PRO D 57 -44.74 -3.15 17.58
N GLY D 58 -45.17 -1.90 17.74
CA GLY D 58 -44.25 -0.77 17.67
C GLY D 58 -44.15 -0.12 16.30
N PHE D 59 -44.58 -0.81 15.25
CA PHE D 59 -44.38 -0.26 13.91
C PHE D 59 -45.12 1.06 13.73
N VAL D 60 -46.40 1.09 14.14
CA VAL D 60 -47.23 2.29 13.95
C VAL D 60 -46.81 3.46 14.84
N GLU D 61 -46.01 3.18 15.86
CA GLU D 61 -45.51 4.22 16.75
C GLU D 61 -44.24 4.88 16.23
N LEU D 62 -43.66 4.33 15.16
CA LEU D 62 -42.55 4.96 14.46
C LEU D 62 -43.04 6.18 13.68
N SER D 63 -42.17 7.14 13.43
CA SER D 63 -42.57 8.30 12.65
C SER D 63 -43.08 7.84 11.31
N LEU D 64 -44.02 8.59 10.76
CA LEU D 64 -44.62 8.26 9.49
C LEU D 64 -43.60 8.25 8.35
N PHE D 65 -42.56 9.07 8.45
CA PHE D 65 -41.50 9.12 7.44
C PHE D 65 -40.71 7.81 7.45
N ASP D 66 -40.43 7.29 8.63
CA ASP D 66 -39.71 6.02 8.77
C ASP D 66 -40.56 4.85 8.26
N GLN D 67 -41.84 4.81 8.62
CA GLN D 67 -42.75 3.78 8.10
C GLN D 67 -42.71 3.72 6.57
N VAL D 68 -42.76 4.88 5.93
CA VAL D 68 -42.75 4.96 4.47
C VAL D 68 -41.42 4.48 3.91
N ARG D 69 -40.33 4.99 4.49
CA ARG D 69 -38.97 4.64 4.13
C ARG D 69 -38.73 3.11 4.17
N LEU D 70 -39.15 2.48 5.27
CA LEU D 70 -38.93 1.05 5.47
C LEU D 70 -39.67 0.21 4.44
N LEU D 71 -40.92 0.56 4.17
CA LEU D 71 -41.71 -0.16 3.19
C LEU D 71 -41.24 0.08 1.74
N GLU D 72 -40.83 1.30 1.41
CA GLU D 72 -40.24 1.57 0.09
C GLU D 72 -39.04 0.69 -0.16
N SER D 73 -38.20 0.55 0.86
CA SER D 73 -36.94 -0.12 0.70
C SER D 73 -37.09 -1.64 0.64
N CYS D 74 -38.04 -2.22 1.40
CA CYS D 74 -38.04 -3.67 1.63
C CYS D 74 -39.03 -4.47 0.75
N TRP D 75 -39.92 -3.80 0.05
CA TRP D 75 -41.11 -4.51 -0.42
C TRP D 75 -40.82 -5.65 -1.37
N MET D 76 -39.91 -5.46 -2.32
CA MET D 76 -39.54 -6.55 -3.23
C MET D 76 -38.89 -7.73 -2.48
N GLU D 77 -38.00 -7.43 -1.52
CA GLU D 77 -37.38 -8.46 -0.69
C GLU D 77 -38.43 -9.30 0.06
N VAL D 78 -39.42 -8.61 0.65
CA VAL D 78 -40.47 -9.27 1.43
C VAL D 78 -41.35 -10.14 0.53
N LEU D 79 -41.69 -9.64 -0.68
CA LEU D 79 -42.41 -10.47 -1.65
C LEU D 79 -41.61 -11.72 -1.97
N MET D 80 -40.32 -11.57 -2.21
CA MET D 80 -39.49 -12.72 -2.60
C MET D 80 -39.31 -13.72 -1.45
N MET D 81 -39.17 -13.22 -0.23
CA MET D 81 -39.02 -14.11 0.92
C MET D 81 -40.30 -14.92 1.10
N GLY D 82 -41.47 -14.31 0.88
CA GLY D 82 -42.73 -15.03 0.89
C GLY D 82 -42.79 -16.12 -0.16
N LEU D 83 -42.35 -15.80 -1.37
CA LEU D 83 -42.29 -16.76 -2.49
C LEU D 83 -41.36 -17.94 -2.19
N MET D 84 -40.17 -17.66 -1.65
CA MET D 84 -39.23 -18.73 -1.31
C MET D 84 -39.83 -19.66 -0.24
N TRP D 85 -40.49 -19.10 0.77
CA TRP D 85 -41.13 -19.91 1.78
C TRP D 85 -42.27 -20.80 1.21
N ARG D 86 -43.06 -20.27 0.28
CA ARG D 86 -44.13 -21.05 -0.36
C ARG D 86 -43.57 -22.14 -1.26
N SER D 87 -42.36 -21.93 -1.78
CA SER D 87 -41.74 -22.88 -2.71
C SER D 87 -40.80 -23.88 -2.05
N ILE D 88 -40.62 -23.78 -0.73
CA ILE D 88 -39.48 -24.45 -0.06
C ILE D 88 -39.49 -25.98 -0.17
N ASP D 89 -40.67 -26.58 -0.21
CA ASP D 89 -40.81 -28.03 -0.30
C ASP D 89 -40.95 -28.55 -1.74
N HIS D 90 -40.78 -27.69 -2.74
CA HIS D 90 -41.05 -28.07 -4.13
C HIS D 90 -39.92 -27.71 -5.12
N PRO D 91 -38.84 -28.51 -5.12
CA PRO D 91 -37.70 -28.26 -6.00
C PRO D 91 -38.11 -28.05 -7.46
N GLY D 92 -37.41 -27.14 -8.14
CA GLY D 92 -37.70 -26.83 -9.54
C GLY D 92 -38.93 -25.98 -9.81
N LYS D 93 -39.66 -25.60 -8.77
CA LYS D 93 -40.91 -24.85 -8.92
C LYS D 93 -40.98 -23.56 -8.09
N LEU D 94 -41.68 -22.56 -8.61
CA LEU D 94 -41.98 -21.35 -7.86
C LEU D 94 -43.48 -21.22 -7.66
N ILE D 95 -43.91 -21.33 -6.41
CA ILE D 95 -45.32 -21.28 -6.04
C ILE D 95 -45.72 -19.82 -5.77
N PHE D 96 -46.00 -19.08 -6.83
CA PHE D 96 -46.44 -17.68 -6.69
C PHE D 96 -47.78 -17.57 -5.94
N ALA D 97 -48.63 -18.57 -6.14
CA ALA D 97 -49.90 -18.70 -5.43
C ALA D 97 -50.37 -20.14 -5.53
N PRO D 98 -51.31 -20.55 -4.67
CA PRO D 98 -51.70 -21.97 -4.62
C PRO D 98 -52.06 -22.53 -6.00
N ASP D 99 -52.75 -21.73 -6.81
CA ASP D 99 -53.13 -22.14 -8.15
C ASP D 99 -52.25 -21.51 -9.26
N LEU D 100 -51.10 -20.96 -8.89
CA LEU D 100 -50.15 -20.38 -9.86
C LEU D 100 -48.73 -20.85 -9.56
N VAL D 101 -48.39 -22.00 -10.11
CA VAL D 101 -47.19 -22.73 -9.78
C VAL D 101 -46.35 -22.93 -11.04
N LEU D 102 -45.28 -22.14 -11.18
CA LEU D 102 -44.49 -22.18 -12.41
C LEU D 102 -43.28 -23.09 -12.29
N ASP D 103 -43.09 -23.92 -13.31
CA ASP D 103 -41.85 -24.66 -13.47
C ASP D 103 -40.76 -23.70 -13.91
N ARG D 104 -39.53 -24.01 -13.55
CA ARG D 104 -38.39 -23.16 -13.86
C ARG D 104 -38.35 -22.71 -15.33
N ASP D 105 -38.49 -23.68 -16.25
CA ASP D 105 -38.39 -23.44 -17.70
C ASP D 105 -39.46 -22.51 -18.28
N GLU D 106 -40.58 -22.36 -17.60
CA GLU D 106 -41.64 -21.47 -18.08
C GLU D 106 -41.20 -20.00 -18.09
N GLY D 107 -40.16 -19.68 -17.33
CA GLY D 107 -39.55 -18.35 -17.36
C GLY D 107 -38.95 -17.96 -18.71
N LYS D 108 -38.67 -18.95 -19.56
CA LYS D 108 -38.16 -18.72 -20.91
C LYS D 108 -38.99 -17.73 -21.72
N CYS D 109 -40.29 -17.59 -21.46
CA CYS D 109 -41.12 -16.74 -22.30
C CYS D 109 -41.03 -15.24 -21.95
N VAL D 110 -40.44 -14.88 -20.81
CA VAL D 110 -40.23 -13.46 -20.49
C VAL D 110 -38.74 -13.11 -20.56
N GLU D 111 -38.38 -12.20 -21.47
CA GLU D 111 -37.00 -11.81 -21.65
C GLU D 111 -36.33 -11.41 -20.32
N GLY D 112 -35.25 -12.09 -19.99
CA GLY D 112 -34.46 -11.75 -18.80
C GLY D 112 -34.94 -12.32 -17.48
N ILE D 113 -36.14 -12.89 -17.41
CA ILE D 113 -36.68 -13.32 -16.11
C ILE D 113 -36.06 -14.62 -15.61
N LEU D 114 -35.61 -15.47 -16.53
CA LEU D 114 -35.04 -16.78 -16.17
C LEU D 114 -33.88 -16.69 -15.16
N GLU D 115 -32.94 -15.80 -15.43
CA GLU D 115 -31.84 -15.51 -14.51
C GLU D 115 -32.34 -15.17 -13.10
N ILE D 116 -33.42 -14.42 -13.01
CA ILE D 116 -34.01 -14.10 -11.71
C ILE D 116 -34.72 -15.35 -11.11
N PHE D 117 -35.43 -16.10 -11.94
CA PHE D 117 -36.04 -17.35 -11.48
C PHE D 117 -34.96 -18.25 -10.87
N ASP D 118 -33.80 -18.31 -11.52
CA ASP D 118 -32.70 -19.14 -11.04
C ASP D 118 -32.11 -18.66 -9.70
N MET D 119 -31.97 -17.33 -9.53
CA MET D 119 -31.57 -16.80 -8.24
C MET D 119 -32.55 -17.21 -7.15
N LEU D 120 -33.85 -17.05 -7.42
CA LEU D 120 -34.87 -17.36 -6.43
C LEU D 120 -34.91 -18.84 -6.06
N LEU D 121 -34.69 -19.71 -7.05
CA LEU D 121 -34.68 -21.16 -6.84
C LEU D 121 -33.45 -21.60 -6.03
N ALA D 122 -32.30 -21.02 -6.36
CA ALA D 122 -31.06 -21.31 -5.62
C ALA D 122 -31.19 -20.88 -4.14
N THR D 123 -31.68 -19.67 -3.89
CA THR D 123 -31.85 -19.22 -2.50
C THR D 123 -32.88 -20.09 -1.75
N THR D 124 -33.95 -20.45 -2.44
CA THR D 124 -34.93 -21.35 -1.88
C THR D 124 -34.28 -22.69 -1.51
N SER D 125 -33.45 -23.24 -2.39
CA SER D 125 -32.74 -24.50 -2.12
C SER D 125 -31.83 -24.42 -0.90
N ARG D 126 -31.15 -23.30 -0.72
CA ARG D 126 -30.34 -23.09 0.49
C ARG D 126 -31.23 -23.16 1.74
N PHE D 127 -32.38 -22.50 1.70
CA PHE D 127 -33.26 -22.51 2.86
C PHE D 127 -33.76 -23.93 3.11
N ARG D 128 -34.00 -24.69 2.03
CA ARG D 128 -34.43 -26.09 2.11
C ARG D 128 -33.36 -26.95 2.79
N GLU D 129 -32.11 -26.80 2.36
CA GLU D 129 -31.00 -27.52 2.96
C GLU D 129 -30.84 -27.21 4.44
N LEU D 130 -31.05 -25.97 4.83
CA LEU D 130 -30.98 -25.57 6.25
C LEU D 130 -32.21 -26.00 7.04
N LYS D 131 -33.20 -26.56 6.33
CA LYS D 131 -34.49 -26.92 6.92
C LYS D 131 -35.10 -25.77 7.71
N LEU D 132 -35.22 -24.61 7.06
CA LEU D 132 -35.84 -23.43 7.65
C LEU D 132 -37.21 -23.82 8.24
N GLN D 133 -37.45 -23.44 9.49
N GLN D 133 -37.45 -23.50 9.51
CA GLN D 133 -38.69 -23.74 10.19
CA GLN D 133 -38.75 -23.78 10.11
C GLN D 133 -39.63 -22.53 10.13
C GLN D 133 -39.65 -22.55 10.05
N HIS D 134 -40.95 -22.78 10.21
CA HIS D 134 -41.98 -21.73 10.10
C HIS D 134 -41.71 -20.50 10.96
N LYS D 135 -41.34 -20.73 12.22
CA LYS D 135 -41.16 -19.62 13.16
C LYS D 135 -39.88 -18.84 12.89
N GLU D 136 -38.89 -19.50 12.31
CA GLU D 136 -37.67 -18.81 11.88
C GLU D 136 -38.02 -17.85 10.74
N TYR D 137 -38.80 -18.35 9.78
CA TYR D 137 -39.28 -17.59 8.64
C TYR D 137 -40.02 -16.33 9.11
N LEU D 138 -40.88 -16.50 10.09
CA LEU D 138 -41.63 -15.35 10.63
C LEU D 138 -40.67 -14.24 11.10
N CYS D 139 -39.65 -14.61 11.87
CA CYS D 139 -38.68 -13.64 12.39
C CYS D 139 -37.82 -13.03 11.26
N VAL D 140 -37.35 -13.86 10.35
CA VAL D 140 -36.53 -13.40 9.22
C VAL D 140 -37.27 -12.37 8.34
N LYS D 141 -38.54 -12.63 8.03
CA LYS D 141 -39.34 -11.71 7.22
C LYS D 141 -39.49 -10.35 7.88
N ALA D 142 -39.76 -10.35 9.18
CA ALA D 142 -39.85 -9.09 9.92
C ALA D 142 -38.51 -8.37 10.01
N MET D 143 -37.42 -9.10 10.12
CA MET D 143 -36.09 -8.48 10.13
C MET D 143 -35.78 -7.78 8.80
N ILE D 144 -36.19 -8.40 7.70
CA ILE D 144 -36.05 -7.77 6.39
C ILE D 144 -36.74 -6.38 6.35
N LEU D 145 -37.98 -6.34 6.86
CA LEU D 145 -38.71 -5.06 6.95
C LEU D 145 -37.95 -4.03 7.78
N LEU D 146 -37.43 -4.44 8.93
CA LEU D 146 -36.89 -3.49 9.90
C LEU D 146 -35.42 -3.10 9.61
N ASN D 147 -34.74 -3.88 8.76
CA ASN D 147 -33.32 -3.73 8.45
C ASN D 147 -33.09 -3.16 7.04
N SER D 148 -34.15 -3.00 6.27
CA SER D 148 -34.04 -2.71 4.82
C SER D 148 -33.36 -1.39 4.52
N SER D 149 -33.75 -0.34 5.24
CA SER D 149 -33.21 0.99 4.97
C SER D 149 -31.92 1.21 5.72
N SER D 163 -36.89 5.76 15.70
CA SER D 163 -35.47 5.46 15.49
C SER D 163 -34.84 4.67 16.66
N ARG D 164 -34.84 5.23 17.87
CA ARG D 164 -34.53 4.46 19.08
C ARG D 164 -35.54 3.31 19.20
N LYS D 165 -36.79 3.60 18.87
CA LYS D 165 -37.86 2.58 18.84
C LYS D 165 -37.61 1.55 17.72
N LEU D 166 -36.99 1.98 16.62
CA LEU D 166 -36.67 1.08 15.50
C LEU D 166 -35.58 0.08 15.87
N ALA D 167 -34.47 0.58 16.41
CA ALA D 167 -33.44 -0.29 16.95
C ALA D 167 -33.99 -1.26 18.02
N HIS D 168 -34.84 -0.78 18.92
CA HIS D 168 -35.42 -1.63 19.98
C HIS D 168 -36.26 -2.73 19.35
N LEU D 169 -37.11 -2.35 18.41
CA LEU D 169 -38.01 -3.30 17.75
C LEU D 169 -37.19 -4.36 17.02
N LEU D 170 -36.17 -3.91 16.28
CA LEU D 170 -35.29 -4.83 15.54
C LEU D 170 -34.53 -5.78 16.45
N ASN D 171 -34.10 -5.29 17.60
CA ASN D 171 -33.45 -6.13 18.62
C ASN D 171 -34.40 -7.19 19.18
N ALA D 172 -35.65 -6.82 19.39
CA ALA D 172 -36.64 -7.75 19.92
C ALA D 172 -36.82 -8.92 18.96
N VAL D 173 -36.91 -8.61 17.66
CA VAL D 173 -37.12 -9.66 16.67
C VAL D 173 -35.90 -10.56 16.55
N THR D 174 -34.71 -9.96 16.64
CA THR D 174 -33.47 -10.74 16.63
C THR D 174 -33.42 -11.68 17.84
N ASP D 175 -33.74 -11.14 19.03
CA ASP D 175 -33.88 -11.98 20.25
C ASP D 175 -34.84 -13.13 20.06
N ALA D 176 -35.98 -12.87 19.41
CA ALA D 176 -36.98 -13.91 19.16
C ALA D 176 -36.41 -15.03 18.30
N LEU D 177 -35.65 -14.67 17.25
CA LEU D 177 -35.06 -15.67 16.35
C LEU D 177 -34.05 -16.53 17.12
N VAL D 178 -33.26 -15.87 17.96
CA VAL D 178 -32.30 -16.56 18.83
C VAL D 178 -33.01 -17.52 19.79
N TRP D 179 -34.17 -17.12 20.29
CA TRP D 179 -35.00 -18.00 21.11
C TRP D 179 -35.50 -19.21 20.31
N VAL D 180 -36.07 -18.98 19.14
CA VAL D 180 -36.61 -20.07 18.31
C VAL D 180 -35.51 -21.10 18.04
N ILE D 181 -34.32 -20.62 17.68
CA ILE D 181 -33.20 -21.50 17.38
C ILE D 181 -32.76 -22.30 18.62
N ALA D 182 -32.78 -21.65 19.77
CA ALA D 182 -32.44 -22.30 21.03
C ALA D 182 -33.41 -23.45 21.38
N LYS D 183 -34.69 -23.26 21.10
CA LYS D 183 -35.69 -24.31 21.35
C LYS D 183 -35.39 -25.62 20.63
N SER D 184 -34.67 -25.57 19.49
CA SER D 184 -34.38 -26.79 18.72
C SER D 184 -33.46 -27.77 19.47
N GLY D 185 -32.79 -27.28 20.53
CA GLY D 185 -31.94 -28.12 21.36
C GLY D 185 -30.53 -28.40 20.85
N ILE D 186 -30.13 -27.75 19.75
CA ILE D 186 -28.80 -27.98 19.18
C ILE D 186 -27.75 -27.27 20.04
N SER D 187 -26.48 -27.68 19.90
CA SER D 187 -25.41 -27.13 20.71
C SER D 187 -25.21 -25.62 20.54
N SER D 188 -24.48 -25.02 21.48
CA SER D 188 -24.26 -23.58 21.49
C SER D 188 -23.58 -23.09 20.22
N GLN D 189 -22.53 -23.80 19.79
CA GLN D 189 -21.82 -23.40 18.58
C GLN D 189 -22.66 -23.70 17.32
N GLN D 190 -23.54 -24.69 17.39
CA GLN D 190 -24.44 -24.95 16.26
C GLN D 190 -25.54 -23.89 16.17
N GLN D 191 -25.93 -23.33 17.31
CA GLN D 191 -26.85 -22.23 17.38
C GLN D 191 -26.26 -20.96 16.74
N SER D 192 -25.02 -20.64 17.10
CA SER D 192 -24.31 -19.52 16.47
C SER D 192 -24.16 -19.73 14.96
N MET D 193 -23.76 -20.93 14.55
N MET D 193 -23.75 -20.93 14.55
CA MET D 193 -23.60 -21.24 13.13
CA MET D 193 -23.59 -21.24 13.13
C MET D 193 -24.91 -21.09 12.36
C MET D 193 -24.91 -21.10 12.35
N ARG D 194 -26.01 -21.53 12.97
CA ARG D 194 -27.32 -21.49 12.32
C ARG D 194 -27.79 -20.05 12.11
N LEU D 195 -27.63 -19.23 13.15
CA LEU D 195 -27.98 -17.83 13.10
C LEU D 195 -27.18 -17.14 11.97
N ALA D 196 -25.88 -17.40 11.92
CA ALA D 196 -25.02 -16.83 10.88
C ALA D 196 -25.43 -17.28 9.47
N ASN D 197 -25.67 -18.58 9.30
CA ASN D 197 -26.03 -19.10 7.98
C ASN D 197 -27.39 -18.57 7.50
N LEU D 198 -28.33 -18.38 8.41
CA LEU D 198 -29.60 -17.77 8.06
C LEU D 198 -29.43 -16.32 7.64
N LEU D 199 -28.70 -15.55 8.44
CA LEU D 199 -28.57 -14.12 8.16
C LEU D 199 -27.72 -13.82 6.95
N MET D 200 -26.76 -14.70 6.62
CA MET D 200 -25.97 -14.54 5.41
C MET D 200 -26.85 -14.66 4.17
N LEU D 201 -27.96 -15.36 4.27
CA LEU D 201 -28.84 -15.52 3.12
C LEU D 201 -29.67 -14.26 2.86
N LEU D 202 -29.72 -13.34 3.82
CA LEU D 202 -30.38 -12.05 3.59
C LEU D 202 -29.66 -11.19 2.54
N SER D 203 -28.35 -11.33 2.40
N SER D 203 -28.35 -11.32 2.38
CA SER D 203 -27.64 -10.63 1.34
CA SER D 203 -27.66 -10.60 1.33
C SER D 203 -28.05 -11.17 -0.03
C SER D 203 -28.04 -11.17 -0.04
N HIS D 204 -28.33 -12.46 -0.10
CA HIS D 204 -28.79 -13.11 -1.34
C HIS D 204 -30.21 -12.66 -1.69
N VAL D 205 -31.07 -12.53 -0.69
CA VAL D 205 -32.42 -12.02 -0.89
C VAL D 205 -32.37 -10.58 -1.38
N ARG D 206 -31.46 -9.77 -0.82
CA ARG D 206 -31.30 -8.39 -1.25
C ARG D 206 -30.84 -8.34 -2.72
N HIS D 207 -29.86 -9.17 -3.07
CA HIS D 207 -29.33 -9.21 -4.43
C HIS D 207 -30.45 -9.49 -5.42
N ALA D 208 -31.25 -10.50 -5.09
CA ALA D 208 -32.36 -10.90 -5.94
C ALA D 208 -33.40 -9.77 -6.09
N SER D 209 -33.67 -9.06 -4.99
N SER D 209 -33.67 -9.08 -4.99
CA SER D 209 -34.59 -7.93 -5.03
CA SER D 209 -34.59 -7.93 -5.03
C SER D 209 -34.12 -6.79 -5.94
C SER D 209 -34.12 -6.78 -5.93
N ASN D 210 -32.83 -6.47 -5.90
CA ASN D 210 -32.24 -5.44 -6.79
C ASN D 210 -32.32 -5.83 -8.27
N LYS D 211 -32.07 -7.11 -8.59
CA LYS D 211 -32.20 -7.60 -9.97
C LYS D 211 -33.66 -7.58 -10.41
N GLY D 212 -34.53 -7.98 -9.50
CA GLY D 212 -35.97 -7.97 -9.76
C GLY D 212 -36.49 -6.58 -10.03
N MET D 213 -36.06 -5.61 -9.23
CA MET D 213 -36.51 -4.23 -9.41
C MET D 213 -36.03 -3.67 -10.76
N GLU D 214 -34.78 -3.97 -11.10
CA GLU D 214 -34.21 -3.54 -12.37
C GLU D 214 -35.03 -4.11 -13.53
N HIS D 215 -35.37 -5.39 -13.42
CA HIS D 215 -36.08 -6.07 -14.49
C HIS D 215 -37.46 -5.46 -14.68
N LEU D 216 -38.19 -5.32 -13.57
CA LEU D 216 -39.54 -4.78 -13.61
C LEU D 216 -39.55 -3.36 -14.20
N LEU D 217 -38.60 -2.53 -13.76
CA LEU D 217 -38.50 -1.17 -14.32
C LEU D 217 -38.32 -1.17 -15.84
N ASN D 218 -37.47 -2.07 -16.32
N ASN D 218 -37.48 -2.08 -16.33
CA ASN D 218 -37.23 -2.22 -17.75
CA ASN D 218 -37.24 -2.18 -17.77
C ASN D 218 -38.53 -2.59 -18.46
C ASN D 218 -38.50 -2.64 -18.51
N MET D 219 -39.24 -3.58 -17.93
CA MET D 219 -40.50 -4.05 -18.52
C MET D 219 -41.54 -2.91 -18.57
N LYS D 220 -41.60 -2.09 -17.52
CA LYS D 220 -42.47 -0.93 -17.52
C LYS D 220 -42.05 0.05 -18.63
N CYS D 221 -40.77 0.42 -18.65
CA CYS D 221 -40.27 1.43 -19.59
C CYS D 221 -40.38 1.02 -21.05
N LYS D 222 -40.25 -0.27 -21.32
CA LYS D 222 -40.42 -0.78 -22.67
C LYS D 222 -41.87 -1.17 -23.00
N ASN D 223 -42.81 -0.84 -22.13
CA ASN D 223 -44.24 -1.11 -22.33
C ASN D 223 -44.60 -2.57 -22.58
N VAL D 224 -43.75 -3.46 -22.10
CA VAL D 224 -44.05 -4.89 -22.16
C VAL D 224 -45.26 -5.19 -21.28
N VAL D 225 -45.42 -4.41 -20.20
CA VAL D 225 -46.55 -4.55 -19.29
C VAL D 225 -46.93 -3.19 -18.71
N PRO D 226 -48.25 -2.93 -18.56
CA PRO D 226 -48.67 -1.73 -17.83
C PRO D 226 -48.66 -2.02 -16.35
N VAL D 227 -48.33 -1.01 -15.55
CA VAL D 227 -48.32 -1.17 -14.10
C VAL D 227 -49.12 -0.06 -13.45
N TYR D 228 -49.88 -0.42 -12.42
CA TYR D 228 -50.92 0.45 -11.90
C TYR D 228 -50.81 0.74 -10.39
N ASP D 229 -51.41 1.86 -10.01
CA ASP D 229 -51.84 2.10 -8.63
C ASP D 229 -50.69 2.03 -7.59
N LEU D 230 -50.81 1.12 -6.62
CA LEU D 230 -49.85 1.04 -5.54
C LEU D 230 -48.50 0.52 -6.04
N LEU D 231 -48.51 -0.54 -6.85
CA LEU D 231 -47.27 -1.07 -7.44
C LEU D 231 -46.54 0.04 -8.17
N LEU D 232 -47.25 0.72 -9.07
CA LEU D 232 -46.69 1.82 -9.84
C LEU D 232 -46.09 2.86 -8.92
N GLU D 233 -46.81 3.18 -7.85
CA GLU D 233 -46.32 4.16 -6.88
C GLU D 233 -45.03 3.71 -6.19
N MET D 234 -44.95 2.42 -5.83
CA MET D 234 -43.75 1.89 -5.19
C MET D 234 -42.57 1.78 -6.16
N LEU D 235 -42.85 1.52 -7.43
CA LEU D 235 -41.80 1.50 -8.46
C LEU D 235 -41.24 2.90 -8.66
N ASN D 236 -42.11 3.83 -9.05
CA ASN D 236 -41.73 5.22 -9.34
C ASN D 236 -40.94 5.90 -8.23
N ALA D 237 -40.98 5.36 -7.02
CA ALA D 237 -40.05 5.75 -5.98
C ALA D 237 -38.64 5.29 -6.38
N ARG E 4 -14.30 -15.42 -22.15
CA ARG E 4 -14.97 -14.89 -20.93
C ARG E 4 -13.94 -14.33 -19.92
N HIS E 5 -12.98 -15.15 -19.49
CA HIS E 5 -12.10 -14.76 -18.38
C HIS E 5 -10.62 -15.08 -18.55
N PRO E 6 -10.00 -14.72 -19.69
CA PRO E 6 -8.57 -15.05 -19.86
C PRO E 6 -7.64 -14.51 -18.77
N LEU E 7 -7.80 -13.24 -18.39
CA LEU E 7 -6.88 -12.57 -17.47
C LEU E 7 -7.03 -13.10 -16.04
N LEU E 8 -8.27 -13.27 -15.61
CA LEU E 8 -8.57 -13.77 -14.27
C LEU E 8 -8.05 -15.20 -14.12
N LEU E 9 -8.27 -16.01 -15.14
CA LEU E 9 -7.76 -17.39 -15.12
C LEU E 9 -6.24 -17.39 -15.10
N ARG E 10 -5.61 -16.55 -15.91
CA ARG E 10 -4.15 -16.43 -15.89
C ARG E 10 -3.63 -16.02 -14.49
N HIS E 11 -4.26 -15.01 -13.87
CA HIS E 11 -3.90 -14.60 -12.51
C HIS E 11 -4.08 -15.76 -11.51
N LEU E 12 -5.21 -16.49 -11.61
CA LEU E 12 -5.49 -17.61 -10.70
C LEU E 12 -4.49 -18.77 -10.88
N LEU E 13 -3.97 -18.94 -12.09
CA LEU E 13 -3.06 -20.02 -12.37
C LEU E 13 -1.59 -19.64 -12.16
N GLN E 14 -1.27 -18.35 -12.25
CA GLN E 14 0.11 -17.86 -12.10
C GLN E 14 0.55 -17.98 -10.64
N ASN E 15 1.79 -18.42 -10.40
CA ASN E 15 2.33 -18.51 -9.03
C ASN E 15 3.29 -17.35 -8.74
N ARG F 4 22.87 -17.28 -9.36
CA ARG F 4 22.69 -16.83 -7.95
C ARG F 4 21.55 -15.83 -7.79
N HIS F 5 20.66 -15.77 -8.80
CA HIS F 5 19.50 -14.88 -8.74
C HIS F 5 18.28 -15.53 -9.39
N PRO F 6 17.98 -16.79 -9.07
CA PRO F 6 16.81 -17.37 -9.71
C PRO F 6 15.51 -16.57 -9.48
N LEU F 7 15.27 -16.11 -8.25
CA LEU F 7 13.98 -15.44 -7.96
C LEU F 7 13.90 -14.07 -8.58
N LEU F 8 14.96 -13.29 -8.45
CA LEU F 8 14.98 -11.92 -8.93
C LEU F 8 14.83 -11.93 -10.45
N LEU F 9 15.55 -12.81 -11.14
CA LEU F 9 15.39 -12.98 -12.58
C LEU F 9 13.96 -13.35 -12.96
N ARG F 10 13.37 -14.26 -12.20
CA ARG F 10 12.00 -14.69 -12.46
C ARG F 10 11.02 -13.54 -12.27
N HIS F 11 11.21 -12.72 -11.22
CA HIS F 11 10.36 -11.55 -11.05
C HIS F 11 10.59 -10.54 -12.18
N LEU F 12 11.85 -10.37 -12.59
CA LEU F 12 12.16 -9.42 -13.67
C LEU F 12 11.50 -9.86 -14.97
N LEU F 13 11.42 -11.16 -15.21
CA LEU F 13 10.89 -11.66 -16.47
C LEU F 13 9.37 -11.93 -16.47
N GLN F 14 8.79 -12.07 -15.28
CA GLN F 14 7.36 -12.35 -15.16
C GLN F 14 6.49 -11.20 -15.66
N ASN F 15 5.35 -11.54 -16.24
CA ASN F 15 4.35 -10.54 -16.64
C ASN F 15 2.96 -10.92 -16.12
N ARG G 4 36.61 9.10 23.45
CA ARG G 4 37.27 10.41 23.73
C ARG G 4 38.27 10.79 22.64
N HIS G 5 38.72 12.05 22.66
CA HIS G 5 39.44 12.64 21.54
C HIS G 5 40.61 13.53 21.94
N PRO G 6 41.51 13.04 22.80
CA PRO G 6 42.58 13.92 23.30
C PRO G 6 43.42 14.55 22.20
N LEU G 7 43.76 13.79 21.17
CA LEU G 7 44.62 14.29 20.11
C LEU G 7 43.89 15.25 19.19
N LEU G 8 42.73 14.85 18.70
CA LEU G 8 41.92 15.74 17.87
C LEU G 8 41.64 17.10 18.57
N LEU G 9 41.24 17.05 19.84
CA LEU G 9 40.92 18.28 20.59
C LEU G 9 42.15 19.15 20.79
N ARG G 10 43.28 18.54 21.12
CA ARG G 10 44.57 19.24 21.13
C ARG G 10 44.85 19.95 19.81
N HIS G 11 44.64 19.27 18.68
CA HIS G 11 44.88 19.91 17.38
C HIS G 11 43.88 21.04 17.10
N LEU G 12 42.61 20.81 17.45
CA LEU G 12 41.57 21.81 17.22
C LEU G 12 41.78 23.06 18.09
N LEU G 13 42.36 22.90 19.27
CA LEU G 13 42.50 24.03 20.21
C LEU G 13 43.79 24.85 20.04
N GLN G 14 44.86 24.23 19.50
CA GLN G 14 46.19 24.85 19.43
C GLN G 14 46.17 26.30 18.95
N ARG H 4 -45.11 12.03 -4.16
CA ARG H 4 -44.32 10.78 -4.04
C ARG H 4 -45.16 9.61 -3.50
N HIS H 5 -45.93 9.80 -2.42
CA HIS H 5 -46.61 8.67 -1.77
C HIS H 5 -48.02 8.85 -1.22
N PRO H 6 -48.94 9.39 -2.04
CA PRO H 6 -50.31 9.58 -1.57
C PRO H 6 -51.00 8.27 -1.14
N LEU H 7 -50.92 7.23 -1.98
CA LEU H 7 -51.63 5.97 -1.74
C LEU H 7 -51.08 5.22 -0.53
N LEU H 8 -49.76 5.03 -0.53
CA LEU H 8 -49.09 4.38 0.58
C LEU H 8 -49.43 5.05 1.91
N LEU H 9 -49.40 6.38 1.95
CA LEU H 9 -49.73 7.10 3.18
C LEU H 9 -51.12 6.76 3.68
N ARG H 10 -52.07 6.64 2.76
CA ARG H 10 -53.47 6.42 3.14
C ARG H 10 -53.68 5.00 3.67
N HIS H 11 -52.99 4.02 3.08
CA HIS H 11 -53.04 2.66 3.60
C HIS H 11 -52.41 2.58 5.00
N LEU H 12 -51.38 3.41 5.24
CA LEU H 12 -50.72 3.44 6.55
C LEU H 12 -51.61 4.11 7.59
N LEU H 13 -52.42 5.04 7.13
CA LEU H 13 -53.41 5.71 7.97
C LEU H 13 -54.79 5.10 7.76
C1 EST I . 12.25 -2.53 6.51
C2 EST I . 11.34 -1.98 5.61
C3 EST I . 11.51 -0.68 5.13
O3 EST I . 10.63 -0.18 4.24
C4 EST I . 12.58 0.09 5.56
C5 EST I . 13.49 -0.41 6.49
C6 EST I . 14.64 0.46 6.96
C7 EST I . 15.28 -0.08 8.22
C8 EST I . 15.60 -1.56 8.05
C9 EST I . 14.31 -2.37 7.99
C10 EST I . 13.34 -1.80 6.99
C11 EST I . 14.63 -3.86 7.78
C12 EST I . 15.62 -4.43 8.82
C13 EST I . 16.87 -3.57 8.96
C14 EST I . 16.47 -2.12 9.20
C15 EST I . 17.78 -1.43 9.61
C16 EST I . 18.57 -2.50 10.37
C17 EST I . 17.76 -3.81 10.18
O17 EST I . 18.65 -4.91 10.07
C18 EST I . 17.71 -3.72 7.71
C1 EST J . 45.62 6.09 2.76
C2 EST J . 45.84 7.42 2.38
C3 EST J . 44.95 8.11 1.56
O3 EST J . 45.21 9.40 1.20
C4 EST J . 43.82 7.47 1.06
C5 EST J . 43.57 6.14 1.41
C6 EST J . 42.32 5.48 0.88
C7 EST J . 42.47 3.97 0.92
C8 EST J . 42.78 3.57 2.32
C9 EST J . 44.23 3.97 2.64
C10 EST J . 44.47 5.41 2.31
C11 EST J . 44.61 3.59 4.06
C12 EST J . 44.37 2.10 4.36
C13 EST J . 42.96 1.68 3.96
C14 EST J . 42.67 2.06 2.52
C15 EST J . 41.37 1.32 2.19
C16 EST J . 41.43 0.03 3.03
C17 EST J . 42.71 0.18 3.87
O17 EST J . 42.50 -0.45 5.13
C18 EST J . 41.98 2.34 4.95
C1 EST K . -13.05 2.19 -6.46
C2 EST K . -12.15 1.60 -5.58
C3 EST K . -12.54 1.17 -4.33
O3 EST K . -11.64 0.62 -3.49
C4 EST K . -13.87 1.31 -3.93
C5 EST K . -14.82 1.89 -4.77
C6 EST K . -16.24 2.04 -4.28
C7 EST K . -17.01 3.03 -5.14
C8 EST K . -16.83 2.71 -6.61
C9 EST K . -15.39 3.00 -7.04
C10 EST K . -14.40 2.34 -6.12
C11 EST K . -15.18 2.69 -8.54
C12 EST K . -16.19 3.39 -9.46
C13 EST K . -17.62 3.16 -8.99
C14 EST K . -17.75 3.53 -7.51
C15 EST K . -19.27 3.53 -7.26
C16 EST K . -19.87 4.00 -8.60
C17 EST K . -18.70 4.07 -9.58
O17 EST K . -19.10 3.70 -10.91
C18 EST K . -17.98 1.69 -9.29
C1 EST L . -44.55 -11.31 -7.70
C2 EST L . -45.09 -11.75 -6.48
C3 EST L . -44.32 -12.40 -5.53
O3 EST L . -44.91 -12.81 -4.36
C4 EST L . -42.95 -12.62 -5.73
C5 EST L . -42.36 -12.20 -6.93
C6 EST L . -40.88 -12.44 -7.15
C7 EST L . -40.48 -12.32 -8.60
C8 EST L . -41.04 -11.02 -9.17
C9 EST L . -42.57 -11.07 -9.25
C10 EST L . -43.18 -11.49 -7.96
C11 EST L . -43.15 -9.77 -9.81
C12 EST L . -42.52 -9.41 -11.17
C13 EST L . -40.99 -9.39 -11.10
C14 EST L . -40.50 -10.72 -10.56
C15 EST L . -39.01 -10.70 -10.81
C16 EST L . -38.86 -9.91 -12.11
C17 EST L . -40.25 -9.37 -12.44
O17 EST L . -40.17 -8.08 -13.08
C18 EST L . -40.57 -8.19 -10.25
#